data_4E6T
#
_entry.id   4E6T
#
_cell.length_a   71.696
_cell.length_b   104.490
_cell.length_c   106.979
_cell.angle_alpha   90.00
_cell.angle_beta   90.00
_cell.angle_gamma   90.00
#
_symmetry.space_group_name_H-M   'P 21 21 21'
#
loop_
_entity.id
_entity.type
_entity.pdbx_description
1 polymer 'Acyl-[acyl-carrier-protein]--UDP-N-acetylglucosamine O-acyltransferase'
2 non-polymer 'CITRATE ANION'
3 water water
#
_entity_poly.entity_id   1
_entity_poly.type   'polypeptide(L)'
_entity_poly.pdbx_seq_one_letter_code
;MGSSHHHHHHSSGLVPRGSHMTTENLYFQGAGTSNHDLIHSTAIIDPSAVIASDVQIGPYCIIGPQVTIGAGTKLHSHVV
VGGFTRIGQNNEIFQFASVGEVCQDLKYKGEETWLEIGNNNLIREHCSLHRGTVQDNALTKIGSHNLLMVNTHIAHDCIV
GDHNIFANNVGVAGHVHIGDHVIVGGNSGIHQFCKIDSYSMIGGASLILKDVPAYVMASGNPAHAFGINIEGMRRKGWSK
NTIQGLREAYKLIFKSGLTSVQAIDQIKSEILPSVPEAQLLIDSLEQSERGIVR
;
_entity_poly.pdbx_strand_id   A,B,C
#
loop_
_chem_comp.id
_chem_comp.type
_chem_comp.name
_chem_comp.formula
FLC non-polymer 'CITRATE ANION' 'C6 H5 O7 -3'
#
# COMPACT_ATOMS: atom_id res chain seq x y z
N LEU A 26 -24.10 16.90 43.90
CA LEU A 26 -22.91 16.37 44.62
C LEU A 26 -21.97 15.62 43.66
N TYR A 27 -22.37 14.42 43.19
CA TYR A 27 -21.52 13.65 42.25
C TYR A 27 -22.01 13.64 40.80
N PHE A 28 -22.05 14.84 40.20
CA PHE A 28 -22.37 14.98 38.78
C PHE A 28 -21.06 14.99 37.98
N GLN A 29 -21.13 14.62 36.70
CA GLN A 29 -19.94 14.59 35.85
C GLN A 29 -19.52 16.00 35.40
N GLY A 30 -20.50 16.81 34.99
CA GLY A 30 -20.20 18.17 34.50
C GLY A 30 -19.46 18.21 33.17
N ALA A 31 -19.85 17.36 32.23
CA ALA A 31 -19.25 17.33 30.89
C ALA A 31 -20.21 17.69 29.75
N ASP A 37 -20.44 8.92 27.24
CA ASP A 37 -20.75 9.21 25.80
C ASP A 37 -19.42 9.26 25.04
N LEU A 38 -18.41 9.88 25.66
CA LEU A 38 -17.11 10.12 24.98
C LEU A 38 -16.31 8.84 24.67
N ILE A 39 -16.18 7.92 25.63
CA ILE A 39 -15.55 6.62 25.38
C ILE A 39 -16.66 5.59 25.19
N HIS A 40 -16.77 5.08 23.98
CA HIS A 40 -17.82 4.13 23.66
C HIS A 40 -17.69 2.91 24.58
N SER A 41 -18.83 2.37 25.01
CA SER A 41 -18.83 1.27 25.96
C SER A 41 -18.21 -0.02 25.42
N THR A 42 -18.17 -0.16 24.09
CA THR A 42 -17.56 -1.34 23.46
C THR A 42 -16.03 -1.28 23.33
N ALA A 43 -15.44 -0.12 23.57
CA ALA A 43 -13.99 0.00 23.53
C ALA A 43 -13.43 -0.83 24.69
N ILE A 44 -12.35 -1.55 24.42
CA ILE A 44 -11.71 -2.36 25.46
C ILE A 44 -10.44 -1.64 25.86
N ILE A 45 -10.45 -1.10 27.08
CA ILE A 45 -9.37 -0.27 27.56
C ILE A 45 -8.62 -0.94 28.70
N ASP A 46 -7.31 -1.16 28.52
CA ASP A 46 -6.50 -1.74 29.59
C ASP A 46 -6.61 -0.88 30.86
N PRO A 47 -6.70 -1.52 32.04
CA PRO A 47 -6.81 -0.72 33.27
C PRO A 47 -5.65 0.27 33.53
N SER A 48 -4.48 0.02 32.94
CA SER A 48 -3.31 0.91 33.15
C SER A 48 -3.39 2.17 32.27
N ALA A 49 -4.34 2.21 31.34
CA ALA A 49 -4.37 3.32 30.39
C ALA A 49 -4.83 4.61 31.06
N VAL A 50 -4.21 5.72 30.67
CA VAL A 50 -4.65 7.03 31.16
C VAL A 50 -5.13 7.87 30.00
N ILE A 51 -6.42 8.19 30.01
CA ILE A 51 -7.09 8.85 28.90
C ILE A 51 -7.68 10.17 29.40
N ALA A 52 -7.27 11.30 28.80
CA ALA A 52 -7.77 12.61 29.25
C ALA A 52 -9.30 12.70 29.17
N SER A 53 -9.91 13.50 30.05
CA SER A 53 -11.36 13.44 30.22
C SER A 53 -12.18 13.83 29.00
N ASP A 54 -11.63 14.64 28.09
CA ASP A 54 -12.41 15.02 26.89
C ASP A 54 -12.11 14.22 25.64
N VAL A 55 -11.30 13.17 25.79
CA VAL A 55 -10.93 12.30 24.65
C VAL A 55 -12.14 11.48 24.19
N GLN A 56 -12.34 11.41 22.87
CA GLN A 56 -13.42 10.61 22.29
C GLN A 56 -12.79 9.34 21.74
N ILE A 57 -13.39 8.20 22.07
CA ILE A 57 -12.92 6.87 21.61
C ILE A 57 -14.13 6.13 21.06
N GLY A 58 -14.04 5.78 19.78
CA GLY A 58 -15.14 5.17 19.05
C GLY A 58 -15.38 3.71 19.39
N PRO A 59 -16.49 3.15 18.88
CA PRO A 59 -16.79 1.74 19.12
C PRO A 59 -15.67 0.80 18.69
N TYR A 60 -15.50 -0.30 19.44
CA TYR A 60 -14.61 -1.41 19.07
C TYR A 60 -13.14 -1.04 18.94
N CYS A 61 -12.72 0.03 19.63
CA CYS A 61 -11.28 0.32 19.79
C CYS A 61 -10.65 -0.58 20.85
N ILE A 62 -9.35 -0.84 20.68
CA ILE A 62 -8.57 -1.60 21.67
C ILE A 62 -7.45 -0.68 22.14
N ILE A 63 -7.40 -0.43 23.45
CA ILE A 63 -6.34 0.37 24.04
C ILE A 63 -5.52 -0.54 24.94
N GLY A 64 -4.27 -0.78 24.57
CA GLY A 64 -3.42 -1.70 25.33
C GLY A 64 -2.83 -1.13 26.60
N PRO A 65 -1.94 -1.88 27.25
CA PRO A 65 -1.32 -1.44 28.50
C PRO A 65 -0.33 -0.31 28.30
N GLN A 66 -0.22 0.54 29.32
CA GLN A 66 0.74 1.65 29.36
C GLN A 66 0.52 2.62 28.18
N VAL A 67 -0.74 2.90 27.90
CA VAL A 67 -1.08 3.89 26.87
C VAL A 67 -1.54 5.16 27.59
N THR A 68 -1.04 6.31 27.12
CA THR A 68 -1.60 7.57 27.56
C THR A 68 -2.13 8.34 26.35
N ILE A 69 -3.29 9.00 26.50
CA ILE A 69 -3.90 9.76 25.40
C ILE A 69 -4.29 11.13 25.89
N GLY A 70 -3.72 12.16 25.26
CA GLY A 70 -3.90 13.57 25.66
C GLY A 70 -5.19 14.25 25.24
N ALA A 71 -5.46 15.37 25.90
CA ALA A 71 -6.70 16.14 25.76
C ALA A 71 -7.05 16.47 24.33
N GLY A 72 -8.33 16.33 24.01
CA GLY A 72 -8.86 16.77 22.73
C GLY A 72 -8.67 15.75 21.61
N THR A 73 -7.93 14.68 21.91
CA THR A 73 -7.73 13.62 20.90
C THR A 73 -9.03 12.88 20.60
N LYS A 74 -9.24 12.54 19.33
CA LYS A 74 -10.36 11.70 18.91
C LYS A 74 -9.89 10.43 18.20
N LEU A 75 -10.33 9.29 18.71
CA LEU A 75 -10.15 8.02 17.98
C LEU A 75 -11.50 7.67 17.39
N HIS A 76 -11.51 7.33 16.12
CA HIS A 76 -12.72 6.80 15.47
C HIS A 76 -13.00 5.37 15.98
N SER A 77 -13.93 4.67 15.33
CA SER A 77 -14.13 3.24 15.63
C SER A 77 -12.92 2.44 15.16
N HIS A 78 -12.74 1.22 15.68
CA HIS A 78 -11.80 0.25 15.12
C HIS A 78 -10.33 0.72 15.11
N VAL A 79 -9.91 1.44 16.14
CA VAL A 79 -8.51 1.84 16.27
C VAL A 79 -7.89 0.90 17.28
N VAL A 80 -6.69 0.38 16.97
CA VAL A 80 -5.97 -0.43 17.96
C VAL A 80 -4.74 0.35 18.39
N VAL A 81 -4.59 0.56 19.70
CA VAL A 81 -3.35 1.14 20.23
C VAL A 81 -2.74 0.01 21.02
N GLY A 82 -1.66 -0.55 20.48
CA GLY A 82 -1.12 -1.83 20.98
C GLY A 82 -0.67 -1.79 22.43
N GLY A 83 0.10 -0.78 22.79
CA GLY A 83 0.62 -0.64 24.13
C GLY A 83 1.82 0.30 24.15
N PHE A 84 2.19 0.75 25.33
CA PHE A 84 3.42 1.54 25.53
C PHE A 84 3.49 2.66 24.51
N THR A 85 2.44 3.46 24.48
CA THR A 85 2.34 4.54 23.51
C THR A 85 1.83 5.76 24.23
N ARG A 86 2.50 6.88 24.00
CA ARG A 86 2.08 8.16 24.53
C ARG A 86 1.55 9.00 23.37
N ILE A 87 0.28 9.37 23.42
CA ILE A 87 -0.36 10.17 22.35
C ILE A 87 -0.69 11.53 22.95
N GLY A 88 -0.29 12.60 22.25
CA GLY A 88 -0.50 13.96 22.72
C GLY A 88 -1.91 14.51 22.55
N GLN A 89 -2.00 15.82 22.40
CA GLN A 89 -3.29 16.51 22.40
C GLN A 89 -3.83 16.74 21.01
N ASN A 90 -5.16 16.73 20.88
CA ASN A 90 -5.84 17.17 19.66
C ASN A 90 -5.44 16.41 18.41
N ASN A 91 -5.15 15.12 18.59
CA ASN A 91 -4.91 14.23 17.44
C ASN A 91 -6.22 13.63 16.95
N GLU A 92 -6.23 13.15 15.72
CA GLU A 92 -7.41 12.44 15.23
C GLU A 92 -6.89 11.20 14.55
N ILE A 93 -7.36 10.04 15.04
CA ILE A 93 -6.94 8.74 14.50
C ILE A 93 -8.14 8.00 13.94
N PHE A 94 -8.02 7.61 12.67
CA PHE A 94 -9.13 7.03 11.94
C PHE A 94 -9.17 5.50 12.00
N GLN A 95 -10.33 4.94 11.67
CA GLN A 95 -10.58 3.49 11.65
C GLN A 95 -9.50 2.66 10.98
N PHE A 96 -9.17 1.53 11.62
CA PHE A 96 -8.25 0.50 11.13
C PHE A 96 -6.77 0.91 11.18
N ALA A 97 -6.48 2.01 11.87
CA ALA A 97 -5.09 2.37 12.18
C ALA A 97 -4.55 1.45 13.28
N SER A 98 -3.30 1.02 13.11
CA SER A 98 -2.63 0.20 14.11
C SER A 98 -1.53 1.05 14.68
N VAL A 99 -1.73 1.49 15.93
CA VAL A 99 -0.89 2.53 16.50
C VAL A 99 -0.14 1.93 17.67
N GLY A 100 1.19 1.97 17.62
CA GLY A 100 1.97 1.51 18.77
C GLY A 100 1.94 0.00 18.91
N GLU A 101 2.06 -0.69 17.79
CA GLU A 101 2.16 -2.14 17.79
C GLU A 101 3.65 -2.53 17.78
N VAL A 102 3.97 -3.77 18.14
CA VAL A 102 5.36 -4.22 18.20
C VAL A 102 5.92 -4.17 16.78
N CYS A 103 7.21 -3.91 16.67
CA CYS A 103 7.78 -3.73 15.33
C CYS A 103 7.98 -5.04 14.55
N GLN A 104 8.40 -4.90 13.30
CA GLN A 104 8.62 -6.03 12.39
C GLN A 104 10.09 -6.49 12.32
N ASP A 105 10.94 -5.86 13.13
CA ASP A 105 12.36 -6.24 13.18
C ASP A 105 12.48 -7.65 13.75
N LEU A 106 13.09 -8.56 12.99
CA LEU A 106 13.26 -9.93 13.45
C LEU A 106 14.20 -10.03 14.66
N LYS A 107 14.99 -8.99 14.90
CA LYS A 107 15.83 -8.90 16.12
C LYS A 107 15.02 -8.59 17.40
N TYR A 108 13.83 -8.01 17.23
CA TYR A 108 12.99 -7.66 18.41
C TYR A 108 12.56 -8.91 19.19
N LYS A 109 12.65 -8.85 20.52
CA LYS A 109 12.38 -10.02 21.35
C LYS A 109 11.44 -9.66 22.51
N GLY A 110 10.40 -8.89 22.19
CA GLY A 110 9.34 -8.58 23.15
C GLY A 110 9.68 -7.52 24.19
N GLU A 111 10.79 -6.82 24.00
CA GLU A 111 11.21 -5.78 24.95
C GLU A 111 10.16 -4.67 25.05
N GLU A 112 10.08 -4.05 26.22
CA GLU A 112 9.05 -3.04 26.46
C GLU A 112 9.48 -1.66 25.95
N THR A 113 9.47 -1.50 24.64
CA THR A 113 9.88 -0.25 23.99
C THR A 113 8.65 0.64 23.70
N TRP A 114 8.88 1.87 23.20
CA TRP A 114 7.84 2.90 23.22
C TRP A 114 7.54 3.51 21.86
N LEU A 115 6.33 4.07 21.72
CA LEU A 115 6.00 4.98 20.62
C LEU A 115 5.51 6.28 21.23
N GLU A 116 6.01 7.39 20.73
CA GLU A 116 5.53 8.70 21.20
C GLU A 116 4.98 9.48 20.03
N ILE A 117 3.77 10.02 20.19
CA ILE A 117 3.14 10.85 19.15
C ILE A 117 2.85 12.18 19.82
N GLY A 118 3.11 13.28 19.11
CA GLY A 118 2.85 14.62 19.65
C GLY A 118 1.41 15.09 19.48
N ASN A 119 1.24 16.35 19.09
CA ASN A 119 -0.07 17.03 19.09
C ASN A 119 -0.57 17.34 17.69
N ASN A 120 -1.90 17.42 17.53
CA ASN A 120 -2.51 17.94 16.28
C ASN A 120 -2.13 17.16 15.02
N ASN A 121 -1.96 15.85 15.16
CA ASN A 121 -1.68 14.98 14.01
C ASN A 121 -2.96 14.37 13.49
N LEU A 122 -2.98 14.06 12.19
CA LEU A 122 -4.07 13.38 11.57
C LEU A 122 -3.50 12.07 11.08
N ILE A 123 -4.03 10.98 11.60
CA ILE A 123 -3.54 9.66 11.25
C ILE A 123 -4.69 8.90 10.59
N ARG A 124 -4.59 8.72 9.27
CA ARG A 124 -5.72 8.21 8.49
C ARG A 124 -5.87 6.70 8.54
N GLU A 125 -6.89 6.19 7.84
CA GLU A 125 -7.24 4.76 7.91
C GLU A 125 -6.05 3.90 7.54
N HIS A 126 -5.91 2.74 8.19
CA HIS A 126 -4.96 1.68 7.78
C HIS A 126 -3.50 2.04 8.00
N CYS A 127 -3.22 3.16 8.68
CA CYS A 127 -1.81 3.49 8.99
C CYS A 127 -1.27 2.46 9.99
N SER A 128 0.05 2.32 10.06
CA SER A 128 0.66 1.43 11.05
C SER A 128 1.91 2.11 11.56
N LEU A 129 1.95 2.29 12.89
CA LEU A 129 3.07 2.94 13.55
C LEU A 129 3.59 1.99 14.60
N HIS A 130 4.86 1.63 14.49
CA HIS A 130 5.40 0.58 15.32
C HIS A 130 6.39 1.11 16.33
N ARG A 131 6.45 0.42 17.47
CA ARG A 131 7.32 0.80 18.59
C ARG A 131 8.80 0.54 18.29
N GLY A 132 9.66 1.08 19.16
CA GLY A 132 11.11 1.03 18.94
C GLY A 132 11.77 -0.32 19.24
N THR A 133 13.10 -0.36 19.06
CA THR A 133 13.90 -1.53 19.45
C THR A 133 15.00 -1.13 20.44
N VAL A 134 15.41 -2.07 21.29
CA VAL A 134 16.47 -1.79 22.28
C VAL A 134 17.83 -1.54 21.64
N GLN A 135 18.04 -2.13 20.47
CA GLN A 135 19.27 -1.96 19.67
C GLN A 135 19.54 -0.52 19.26
N ASP A 136 18.50 0.31 19.26
CA ASP A 136 18.63 1.74 18.95
C ASP A 136 18.40 2.55 20.25
N ASN A 137 17.21 3.10 20.44
CA ASN A 137 16.91 3.91 21.63
C ASN A 137 15.53 3.60 22.25
N ALA A 138 15.01 2.42 21.95
CA ALA A 138 13.71 1.93 22.47
C ALA A 138 12.56 2.92 22.21
N LEU A 139 12.65 3.65 21.09
CA LEU A 139 11.69 4.74 20.87
C LEU A 139 11.44 5.08 19.41
N THR A 140 10.18 4.97 19.01
CA THR A 140 9.71 5.58 17.75
C THR A 140 9.01 6.87 18.16
N LYS A 141 9.32 7.97 17.48
CA LYS A 141 8.77 9.29 17.87
C LYS A 141 8.26 10.06 16.67
N ILE A 142 7.03 10.56 16.76
CA ILE A 142 6.55 11.53 15.76
C ILE A 142 6.15 12.83 16.50
N GLY A 143 6.41 13.98 15.88
CA GLY A 143 6.11 15.29 16.50
C GLY A 143 4.65 15.69 16.33
N SER A 144 4.42 16.91 15.83
CA SER A 144 3.12 17.54 15.85
C SER A 144 2.72 18.10 14.49
N HIS A 145 1.41 18.28 14.27
CA HIS A 145 0.88 18.88 13.03
C HIS A 145 1.24 18.10 11.76
N ASN A 146 1.39 16.78 11.91
CA ASN A 146 1.65 15.91 10.75
C ASN A 146 0.35 15.34 10.18
N LEU A 147 0.37 15.07 8.88
CA LEU A 147 -0.71 14.34 8.20
C LEU A 147 -0.13 13.04 7.67
N LEU A 148 -0.67 11.95 8.16
CA LEU A 148 -0.30 10.62 7.69
C LEU A 148 -1.52 10.15 6.92
N MET A 149 -1.40 10.12 5.59
CA MET A 149 -2.54 9.72 4.73
C MET A 149 -2.71 8.21 4.79
N VAL A 150 -3.79 7.70 4.18
CA VAL A 150 -4.20 6.28 4.26
C VAL A 150 -3.02 5.34 4.05
N ASN A 151 -2.82 4.39 4.97
CA ASN A 151 -1.75 3.41 4.83
C ASN A 151 -0.33 4.01 4.82
N THR A 152 -0.09 4.97 5.70
CA THR A 152 1.28 5.39 6.00
C THR A 152 1.89 4.41 7.03
N HIS A 153 3.08 3.89 6.75
CA HIS A 153 3.78 3.03 7.71
C HIS A 153 4.98 3.77 8.28
N ILE A 154 5.04 3.88 9.61
CA ILE A 154 6.20 4.40 10.30
C ILE A 154 6.83 3.23 11.10
N ALA A 155 7.97 2.75 10.63
CA ALA A 155 8.68 1.62 11.25
C ALA A 155 9.29 1.93 12.63
N HIS A 156 9.69 0.88 13.33
CA HIS A 156 10.46 1.02 14.59
C HIS A 156 11.62 2.01 14.49
N ASP A 157 11.73 2.89 15.49
CA ASP A 157 12.90 3.74 15.71
C ASP A 157 12.96 4.96 14.79
N CYS A 158 11.92 5.17 13.99
CA CYS A 158 11.82 6.40 13.22
C CYS A 158 11.69 7.59 14.15
N ILE A 159 12.24 8.73 13.75
CA ILE A 159 12.05 9.98 14.49
C ILE A 159 11.54 10.96 13.45
N VAL A 160 10.35 11.49 13.68
CA VAL A 160 9.70 12.35 12.71
C VAL A 160 9.37 13.66 13.41
N GLY A 161 9.60 14.77 12.73
CA GLY A 161 9.37 16.11 13.28
C GLY A 161 7.96 16.60 13.12
N ASP A 162 7.83 17.87 12.73
CA ASP A 162 6.55 18.57 12.75
C ASP A 162 6.16 19.02 11.34
N HIS A 163 4.85 19.17 11.12
CA HIS A 163 4.32 19.79 9.88
C HIS A 163 4.67 18.99 8.61
N ASN A 164 4.80 17.68 8.76
CA ASN A 164 5.10 16.81 7.62
C ASN A 164 3.83 16.25 6.99
N ILE A 165 3.94 15.84 5.72
CA ILE A 165 2.83 15.21 4.99
C ILE A 165 3.36 13.91 4.39
N PHE A 166 2.72 12.81 4.75
CA PHE A 166 2.99 11.51 4.13
C PHE A 166 1.78 11.12 3.32
N ALA A 167 1.97 10.93 2.02
CA ALA A 167 0.83 10.60 1.14
C ALA A 167 0.52 9.11 1.22
N ASN A 168 -0.57 8.68 0.55
CA ASN A 168 -1.01 7.27 0.64
C ASN A 168 0.06 6.25 0.34
N ASN A 169 0.05 5.17 1.10
CA ASN A 169 0.89 3.99 0.86
C ASN A 169 2.39 4.25 1.02
N VAL A 170 2.75 5.29 1.75
CA VAL A 170 4.17 5.61 2.01
C VAL A 170 4.72 4.65 3.04
N GLY A 171 5.90 4.08 2.77
CA GLY A 171 6.54 3.16 3.69
C GLY A 171 7.84 3.78 4.17
N VAL A 172 7.93 4.05 5.46
CA VAL A 172 9.11 4.59 6.07
C VAL A 172 9.76 3.50 6.91
N ALA A 173 10.90 2.99 6.46
CA ALA A 173 11.55 1.85 7.10
C ALA A 173 12.27 2.23 8.41
N GLY A 174 12.85 1.23 9.06
CA GLY A 174 13.46 1.40 10.41
C GLY A 174 14.49 2.50 10.55
N HIS A 175 14.43 3.22 11.68
CA HIS A 175 15.48 4.17 12.11
C HIS A 175 15.62 5.39 11.19
N VAL A 176 14.59 5.67 10.37
CA VAL A 176 14.63 6.85 9.51
C VAL A 176 14.37 8.12 10.33
N HIS A 177 15.12 9.19 10.07
CA HIS A 177 14.95 10.45 10.78
C HIS A 177 14.40 11.48 9.80
N ILE A 178 13.21 11.98 10.08
CA ILE A 178 12.59 12.96 9.20
C ILE A 178 12.47 14.26 9.98
N GLY A 179 12.79 15.36 9.32
CA GLY A 179 12.73 16.68 9.95
C GLY A 179 11.34 17.29 9.97
N ASP A 180 11.27 18.56 9.57
CA ASP A 180 10.01 19.34 9.61
C ASP A 180 9.64 19.78 8.22
N HIS A 181 8.34 19.93 7.95
CA HIS A 181 7.87 20.51 6.68
C HIS A 181 8.30 19.71 5.47
N VAL A 182 8.40 18.40 5.62
CA VAL A 182 8.74 17.49 4.53
C VAL A 182 7.45 16.99 3.86
N ILE A 183 7.49 16.74 2.55
CA ILE A 183 6.38 16.06 1.89
C ILE A 183 6.90 14.80 1.24
N VAL A 184 6.22 13.69 1.51
CA VAL A 184 6.53 12.39 0.88
C VAL A 184 5.35 11.96 0.01
N GLY A 185 5.58 11.93 -1.31
CA GLY A 185 4.53 11.58 -2.28
C GLY A 185 4.09 10.13 -2.25
N GLY A 186 2.93 9.85 -2.86
CA GLY A 186 2.28 8.56 -2.71
C GLY A 186 3.07 7.38 -3.22
N ASN A 187 2.90 6.24 -2.55
CA ASN A 187 3.49 4.95 -2.96
C ASN A 187 5.02 4.98 -2.93
N SER A 188 5.61 5.83 -2.11
CA SER A 188 7.07 5.90 -2.02
C SER A 188 7.58 5.12 -0.82
N GLY A 189 8.85 4.75 -0.86
CA GLY A 189 9.45 4.03 0.24
C GLY A 189 10.79 4.63 0.58
N ILE A 190 11.12 4.61 1.87
CA ILE A 190 12.37 5.18 2.35
C ILE A 190 13.17 4.10 3.08
N HIS A 191 14.37 3.81 2.58
CA HIS A 191 15.30 2.80 3.12
C HIS A 191 15.64 3.07 4.58
N GLN A 192 15.83 2.00 5.35
CA GLN A 192 16.26 2.15 6.74
C GLN A 192 17.49 3.07 6.92
N PHE A 193 17.46 3.85 8.00
CA PHE A 193 18.55 4.74 8.45
C PHE A 193 18.71 6.03 7.67
N CYS A 194 17.94 6.25 6.60
CA CYS A 194 18.04 7.51 5.84
C CYS A 194 17.60 8.69 6.69
N LYS A 195 18.19 9.85 6.40
CA LYS A 195 17.85 11.10 7.07
C LYS A 195 17.25 12.04 6.02
N ILE A 196 16.01 12.43 6.26
CA ILE A 196 15.23 13.20 5.31
C ILE A 196 15.03 14.54 5.98
N ASP A 197 15.76 15.55 5.53
CA ASP A 197 15.83 16.80 6.30
C ASP A 197 14.73 17.81 5.99
N SER A 198 14.62 18.86 6.79
CA SER A 198 13.48 19.77 6.73
C SER A 198 13.31 20.41 5.36
N TYR A 199 12.05 20.60 4.97
CA TYR A 199 11.67 21.26 3.71
C TYR A 199 12.01 20.51 2.44
N SER A 200 12.52 19.29 2.57
CA SER A 200 12.70 18.43 1.40
C SER A 200 11.36 17.91 0.85
N MET A 201 11.41 17.37 -0.37
CA MET A 201 10.22 16.76 -0.96
C MET A 201 10.67 15.49 -1.67
N ILE A 202 9.92 14.42 -1.41
CA ILE A 202 10.11 13.11 -2.04
C ILE A 202 8.95 12.90 -3.01
N GLY A 203 9.27 12.74 -4.29
CA GLY A 203 8.25 12.54 -5.32
C GLY A 203 7.45 11.27 -5.13
N GLY A 204 6.29 11.20 -5.79
CA GLY A 204 5.48 9.98 -5.83
C GLY A 204 6.24 8.84 -6.49
N ALA A 205 5.90 7.61 -6.08
CA ALA A 205 6.43 6.37 -6.70
C ALA A 205 7.95 6.35 -6.69
N SER A 206 8.55 6.82 -5.61
CA SER A 206 10.01 6.91 -5.50
C SER A 206 10.56 5.93 -4.46
N LEU A 207 11.84 5.60 -4.60
CA LEU A 207 12.53 4.76 -3.65
C LEU A 207 13.75 5.53 -3.22
N ILE A 208 13.78 5.90 -1.94
CA ILE A 208 14.87 6.69 -1.39
C ILE A 208 15.87 5.79 -0.69
N LEU A 209 17.11 5.77 -1.19
CA LEU A 209 18.15 4.89 -0.66
C LEU A 209 19.21 5.57 0.16
N LYS A 210 19.29 6.90 0.05
CA LYS A 210 20.31 7.68 0.74
C LYS A 210 19.66 8.90 1.37
N ASP A 211 20.48 9.75 1.98
CA ASP A 211 19.97 10.90 2.73
C ASP A 211 19.50 12.00 1.78
N VAL A 212 18.36 12.65 2.09
CA VAL A 212 17.87 13.78 1.31
C VAL A 212 18.10 15.08 2.08
N PRO A 213 19.00 15.95 1.59
CA PRO A 213 19.35 17.16 2.34
C PRO A 213 18.18 18.14 2.45
N ALA A 214 18.27 19.05 3.42
CA ALA A 214 17.27 20.11 3.58
C ALA A 214 16.99 20.81 2.23
N TYR A 215 15.71 21.05 1.95
CA TYR A 215 15.22 21.82 0.78
C TYR A 215 15.22 21.06 -0.54
N VAL A 216 15.75 19.84 -0.54
CA VAL A 216 16.01 19.13 -1.79
C VAL A 216 14.76 18.37 -2.28
N MET A 217 14.49 18.51 -3.58
CA MET A 217 13.50 17.66 -4.25
C MET A 217 14.17 16.39 -4.76
N ALA A 218 13.76 15.25 -4.21
CA ALA A 218 14.28 13.94 -4.64
C ALA A 218 13.16 13.13 -5.28
N SER A 219 13.45 12.45 -6.39
CA SER A 219 12.41 11.73 -7.10
C SER A 219 12.98 10.57 -7.88
N GLY A 220 12.22 9.48 -7.98
CA GLY A 220 12.57 8.37 -8.88
C GLY A 220 12.88 7.04 -8.20
N ASN A 221 13.19 6.05 -9.02
CA ASN A 221 13.45 4.72 -8.50
C ASN A 221 14.62 4.12 -9.27
N PRO A 222 15.83 4.17 -8.67
CA PRO A 222 16.11 4.83 -7.39
C PRO A 222 16.19 6.37 -7.52
N ALA A 223 15.91 7.08 -6.43
CA ALA A 223 15.73 8.52 -6.53
C ALA A 223 17.00 9.30 -6.79
N HIS A 224 16.89 10.37 -7.58
CA HIS A 224 17.95 11.34 -7.79
C HIS A 224 17.50 12.73 -7.30
N ALA A 225 18.44 13.67 -7.18
CA ALA A 225 18.14 15.02 -6.72
C ALA A 225 17.81 15.94 -7.89
N PHE A 226 16.73 16.72 -7.75
CA PHE A 226 16.25 17.60 -8.83
C PHE A 226 16.16 19.08 -8.45
N GLY A 227 17.06 19.54 -7.60
CA GLY A 227 17.06 20.96 -7.25
C GLY A 227 16.39 21.24 -5.91
N ILE A 228 16.24 22.53 -5.64
CA ILE A 228 15.64 23.11 -4.45
C ILE A 228 14.16 23.28 -4.77
N ASN A 229 13.31 23.21 -3.75
CA ASN A 229 11.89 23.48 -3.97
C ASN A 229 11.62 24.99 -4.00
N ILE A 230 11.99 25.62 -5.12
CA ILE A 230 11.88 27.06 -5.30
C ILE A 230 10.43 27.51 -5.19
N GLU A 231 9.55 26.76 -5.86
CA GLU A 231 8.13 27.11 -5.98
C GLU A 231 7.49 27.23 -4.60
N GLY A 232 7.71 26.22 -3.77
CA GLY A 232 7.28 26.24 -2.37
C GLY A 232 7.76 27.47 -1.62
N MET A 233 9.05 27.75 -1.74
CA MET A 233 9.67 28.88 -1.06
C MET A 233 9.04 30.22 -1.47
N ARG A 234 8.79 30.38 -2.77
CA ARG A 234 8.20 31.61 -3.30
C ARG A 234 6.77 31.78 -2.79
N ARG A 235 5.99 30.70 -2.85
CA ARG A 235 4.60 30.72 -2.40
C ARG A 235 4.54 31.01 -0.91
N LYS A 236 5.58 30.59 -0.19
CA LYS A 236 5.64 30.75 1.26
C LYS A 236 6.21 32.10 1.69
N GLY A 237 6.59 32.92 0.70
CA GLY A 237 7.10 34.27 0.94
C GLY A 237 8.52 34.38 1.47
N TRP A 238 9.35 33.34 1.30
CA TRP A 238 10.76 33.46 1.64
C TRP A 238 11.40 34.49 0.72
N SER A 239 12.35 35.26 1.24
CA SER A 239 12.98 36.34 0.47
C SER A 239 13.74 35.84 -0.76
N LYS A 240 13.83 36.70 -1.76
CA LYS A 240 14.50 36.40 -3.01
C LYS A 240 15.98 36.11 -2.75
N ASN A 241 16.55 36.85 -1.80
CA ASN A 241 17.92 36.65 -1.32
C ASN A 241 18.16 35.27 -0.67
N THR A 242 17.24 34.83 0.18
CA THR A 242 17.31 33.50 0.82
C THR A 242 17.27 32.42 -0.25
N ILE A 243 16.27 32.53 -1.14
CA ILE A 243 16.05 31.53 -2.18
C ILE A 243 17.29 31.45 -3.10
N GLN A 244 17.84 32.61 -3.45
CA GLN A 244 19.02 32.66 -4.32
C GLN A 244 20.25 32.04 -3.63
N GLY A 245 20.39 32.31 -2.33
CA GLY A 245 21.45 31.74 -1.51
C GLY A 245 21.36 30.22 -1.46
N LEU A 246 20.15 29.69 -1.23
CA LEU A 246 19.98 28.23 -1.22
C LEU A 246 20.19 27.58 -2.59
N ARG A 247 19.80 28.27 -3.67
CA ARG A 247 20.08 27.78 -5.03
C ARG A 247 21.59 27.68 -5.26
N GLU A 248 22.33 28.69 -4.80
CA GLU A 248 23.80 28.73 -4.94
C GLU A 248 24.47 27.62 -4.12
N ALA A 249 23.98 27.40 -2.90
CA ALA A 249 24.47 26.31 -2.05
C ALA A 249 24.21 24.95 -2.70
N TYR A 250 23.03 24.79 -3.29
CA TYR A 250 22.71 23.59 -4.03
C TYR A 250 23.71 23.37 -5.17
N LYS A 251 24.02 24.44 -5.92
CA LYS A 251 24.96 24.34 -7.05
C LYS A 251 26.34 23.88 -6.58
N LEU A 252 26.82 24.44 -5.47
CA LEU A 252 28.10 24.02 -4.88
C LEU A 252 28.09 22.55 -4.49
N ILE A 253 27.00 22.10 -3.88
CA ILE A 253 26.92 20.71 -3.43
C ILE A 253 26.80 19.71 -4.62
N PHE A 254 25.97 20.04 -5.60
CA PHE A 254 25.55 19.03 -6.60
C PHE A 254 26.05 19.24 -8.02
N LYS A 255 26.47 20.46 -8.36
CA LYS A 255 26.71 20.82 -9.78
C LYS A 255 28.10 21.38 -10.04
N SER A 256 29.01 21.23 -9.09
CA SER A 256 30.30 21.90 -9.20
C SER A 256 31.51 20.97 -9.11
N GLY A 257 31.26 19.67 -8.97
CA GLY A 257 32.32 18.67 -8.86
C GLY A 257 33.07 18.71 -7.53
N LEU A 258 32.52 19.44 -6.56
CA LEU A 258 33.16 19.60 -5.26
C LEU A 258 32.90 18.39 -4.38
N THR A 259 33.88 18.04 -3.54
CA THR A 259 33.64 17.07 -2.48
C THR A 259 32.67 17.67 -1.45
N SER A 260 32.05 16.81 -0.66
CA SER A 260 31.17 17.24 0.44
C SER A 260 31.82 18.35 1.30
N VAL A 261 33.08 18.13 1.70
CA VAL A 261 33.78 19.07 2.58
C VAL A 261 34.11 20.38 1.87
N GLN A 262 34.47 20.31 0.60
CA GLN A 262 34.75 21.54 -0.16
C GLN A 262 33.49 22.40 -0.34
N ALA A 263 32.36 21.74 -0.66
CA ALA A 263 31.06 22.38 -0.75
C ALA A 263 30.69 23.06 0.58
N ILE A 264 30.82 22.31 1.68
CA ILE A 264 30.55 22.87 3.01
C ILE A 264 31.38 24.12 3.27
N ASP A 265 32.69 24.05 3.03
CA ASP A 265 33.56 25.20 3.31
C ASP A 265 33.21 26.42 2.49
N GLN A 266 32.90 26.22 1.21
CA GLN A 266 32.46 27.33 0.38
C GLN A 266 31.11 27.90 0.83
N ILE A 267 30.21 27.04 1.26
CA ILE A 267 28.91 27.54 1.75
C ILE A 267 29.15 28.40 3.00
N LYS A 268 29.96 27.90 3.91
CA LYS A 268 30.32 28.65 5.11
C LYS A 268 30.91 30.03 4.81
N SER A 269 31.83 30.12 3.84
CA SER A 269 32.50 31.39 3.58
C SER A 269 31.67 32.37 2.77
N GLU A 270 30.91 31.87 1.80
CA GLU A 270 30.30 32.75 0.82
C GLU A 270 28.79 32.92 0.94
N ILE A 271 28.09 31.96 1.53
CA ILE A 271 26.63 32.00 1.57
C ILE A 271 26.07 32.17 2.99
N LEU A 272 26.52 31.32 3.90
CA LEU A 272 26.11 31.36 5.30
C LEU A 272 26.04 32.79 5.90
N PRO A 273 27.03 33.68 5.61
CA PRO A 273 27.00 35.05 6.17
C PRO A 273 25.74 35.89 5.85
N SER A 274 25.14 35.71 4.68
CA SER A 274 23.93 36.47 4.34
C SER A 274 22.67 35.61 4.38
N VAL A 275 22.86 34.29 4.36
CA VAL A 275 21.75 33.33 4.28
C VAL A 275 21.90 32.26 5.36
N PRO A 276 21.55 32.59 6.61
CA PRO A 276 21.75 31.67 7.73
C PRO A 276 20.95 30.37 7.55
N GLU A 277 19.95 30.41 6.68
CA GLU A 277 19.16 29.22 6.32
C GLU A 277 20.02 28.13 5.66
N ALA A 278 21.17 28.52 5.13
CA ALA A 278 22.04 27.53 4.48
C ALA A 278 22.65 26.55 5.48
N GLN A 279 22.58 26.88 6.77
CA GLN A 279 23.06 25.96 7.81
C GLN A 279 22.37 24.60 7.77
N LEU A 280 21.08 24.56 7.43
CA LEU A 280 20.38 23.27 7.36
C LEU A 280 20.99 22.34 6.32
N LEU A 281 21.51 22.91 5.23
CA LEU A 281 22.18 22.12 4.19
C LEU A 281 23.55 21.63 4.66
N ILE A 282 24.25 22.48 5.40
CA ILE A 282 25.53 22.08 5.99
C ILE A 282 25.25 20.92 6.94
N ASP A 283 24.21 21.05 7.78
CA ASP A 283 23.84 19.96 8.70
C ASP A 283 23.61 18.64 7.97
N SER A 284 22.84 18.68 6.88
CA SER A 284 22.55 17.49 6.10
C SER A 284 23.83 16.76 5.71
N LEU A 285 24.79 17.48 5.16
CA LEU A 285 26.01 16.83 4.66
C LEU A 285 26.87 16.32 5.82
N GLU A 286 26.93 17.09 6.90
CA GLU A 286 27.79 16.75 8.05
C GLU A 286 27.22 15.59 8.83
N GLN A 287 25.89 15.49 8.89
CA GLN A 287 25.23 14.40 9.63
C GLN A 287 24.94 13.15 8.82
N SER A 288 25.14 13.22 7.50
CA SER A 288 24.83 12.08 6.64
C SER A 288 25.63 10.86 7.06
N GLU A 289 24.96 9.74 7.24
CA GLU A 289 25.67 8.48 7.49
C GLU A 289 25.62 7.55 6.29
N ARG A 290 24.60 7.69 5.44
CA ARG A 290 24.50 6.81 4.26
C ARG A 290 25.02 7.47 2.99
N GLY A 291 25.48 8.71 3.10
CA GLY A 291 25.71 9.54 1.91
C GLY A 291 24.42 10.20 1.44
N ILE A 292 24.54 11.18 0.56
CA ILE A 292 23.36 11.94 0.09
C ILE A 292 22.88 11.45 -1.29
N VAL A 293 21.58 11.53 -1.51
CA VAL A 293 20.98 11.37 -2.85
C VAL A 293 21.55 12.46 -3.75
N ARG A 294 22.00 12.06 -4.94
CA ARG A 294 22.52 13.00 -5.94
C ARG A 294 21.81 12.85 -7.27
N THR B 23 -6.56 -9.37 50.35
CA THR B 23 -7.56 -8.66 49.49
C THR B 23 -7.65 -7.22 49.95
N GLU B 24 -7.47 -6.29 49.02
CA GLU B 24 -7.48 -4.86 49.34
C GLU B 24 -8.91 -4.35 49.22
N ASN B 25 -9.46 -3.87 50.33
CA ASN B 25 -10.80 -3.29 50.38
C ASN B 25 -10.79 -1.76 50.31
N LEU B 26 -9.59 -1.16 50.33
CA LEU B 26 -9.48 0.31 50.40
C LEU B 26 -9.15 0.90 49.02
N TYR B 27 -7.87 0.92 48.67
CA TYR B 27 -7.45 1.52 47.40
C TYR B 27 -7.14 0.49 46.31
N PHE B 28 -8.15 -0.27 45.92
CA PHE B 28 -8.03 -1.21 44.81
C PHE B 28 -8.61 -0.51 43.58
N GLN B 29 -8.18 -0.95 42.39
CA GLN B 29 -8.65 -0.32 41.17
C GLN B 29 -9.98 -0.94 40.75
N GLY B 30 -10.06 -2.26 40.85
CA GLY B 30 -11.31 -2.98 40.58
C GLY B 30 -11.75 -2.96 39.13
N ALA B 31 -10.78 -2.95 38.21
CA ALA B 31 -11.09 -2.88 36.79
C ALA B 31 -10.78 -4.20 36.08
N GLY B 32 -11.13 -5.31 36.72
CA GLY B 32 -10.86 -6.66 36.19
C GLY B 32 -9.78 -7.38 36.98
N HIS B 36 -7.20 -13.66 32.06
CA HIS B 36 -8.18 -13.48 30.93
C HIS B 36 -8.30 -14.78 30.11
N ASP B 37 -9.45 -14.96 29.49
CA ASP B 37 -9.74 -16.12 28.65
C ASP B 37 -8.80 -16.15 27.44
N LEU B 38 -8.51 -17.34 26.95
CA LEU B 38 -7.69 -17.48 25.75
C LEU B 38 -8.42 -16.93 24.52
N ILE B 39 -9.73 -17.17 24.47
CA ILE B 39 -10.57 -16.70 23.37
C ILE B 39 -11.52 -15.65 23.94
N HIS B 40 -11.42 -14.42 23.46
CA HIS B 40 -12.23 -13.32 23.98
C HIS B 40 -13.71 -13.57 23.73
N SER B 41 -14.54 -13.15 24.70
CA SER B 41 -16.00 -13.35 24.60
C SER B 41 -16.61 -12.75 23.33
N THR B 42 -15.99 -11.70 22.79
CA THR B 42 -16.50 -11.01 21.62
C THR B 42 -16.06 -11.62 20.29
N ALA B 43 -15.18 -12.62 20.33
CA ALA B 43 -14.89 -13.35 19.10
C ALA B 43 -16.12 -14.15 18.72
N ILE B 44 -16.45 -14.15 17.43
CA ILE B 44 -17.60 -14.91 16.92
C ILE B 44 -17.06 -16.06 16.08
N ILE B 45 -17.32 -17.27 16.55
CA ILE B 45 -16.67 -18.46 15.98
C ILE B 45 -17.70 -19.42 15.43
N ASP B 46 -17.57 -19.76 14.14
CA ASP B 46 -18.47 -20.73 13.52
C ASP B 46 -18.40 -22.07 14.27
N PRO B 47 -19.57 -22.73 14.50
CA PRO B 47 -19.51 -23.97 15.29
C PRO B 47 -18.72 -25.09 14.63
N SER B 48 -18.48 -24.99 13.31
CA SER B 48 -17.72 -25.99 12.59
C SER B 48 -16.20 -25.85 12.81
N ALA B 49 -15.78 -24.69 13.34
CA ALA B 49 -14.36 -24.44 13.57
C ALA B 49 -13.70 -25.44 14.52
N VAL B 50 -12.46 -25.81 14.18
CA VAL B 50 -11.69 -26.76 14.97
C VAL B 50 -10.44 -26.00 15.45
N ILE B 51 -10.40 -25.75 16.76
CA ILE B 51 -9.42 -24.85 17.34
C ILE B 51 -8.64 -25.54 18.46
N ALA B 52 -7.31 -25.59 18.33
CA ALA B 52 -6.51 -26.29 19.34
C ALA B 52 -6.68 -25.69 20.73
N SER B 53 -6.48 -26.52 21.75
CA SER B 53 -6.74 -26.10 23.14
C SER B 53 -6.16 -24.75 23.58
N ASP B 54 -4.91 -24.46 23.22
CA ASP B 54 -4.22 -23.28 23.77
C ASP B 54 -4.21 -22.06 22.85
N VAL B 55 -4.97 -22.12 21.77
CA VAL B 55 -5.05 -21.02 20.80
C VAL B 55 -5.65 -19.78 21.46
N GLN B 56 -5.02 -18.64 21.19
CA GLN B 56 -5.50 -17.35 21.66
C GLN B 56 -6.20 -16.62 20.52
N ILE B 57 -7.40 -16.09 20.80
CA ILE B 57 -8.15 -15.30 19.81
C ILE B 57 -8.64 -14.02 20.49
N GLY B 58 -8.23 -12.89 19.95
CA GLY B 58 -8.53 -11.58 20.55
C GLY B 58 -9.94 -11.07 20.32
N PRO B 59 -10.25 -9.89 20.89
CA PRO B 59 -11.59 -9.30 20.75
C PRO B 59 -11.99 -9.09 19.32
N TYR B 60 -13.28 -9.32 19.04
CA TYR B 60 -13.94 -8.97 17.76
C TYR B 60 -13.45 -9.75 16.55
N CYS B 61 -12.74 -10.85 16.78
CA CYS B 61 -12.32 -11.70 15.65
C CYS B 61 -13.54 -12.43 15.10
N ILE B 62 -13.50 -12.80 13.82
CA ILE B 62 -14.58 -13.54 13.17
C ILE B 62 -13.94 -14.76 12.56
N ILE B 63 -14.38 -15.94 12.99
CA ILE B 63 -13.88 -17.19 12.44
C ILE B 63 -15.01 -17.88 11.70
N GLY B 64 -14.84 -18.01 10.38
CA GLY B 64 -15.86 -18.57 9.49
C GLY B 64 -15.89 -20.09 9.50
N PRO B 65 -16.73 -20.68 8.64
CA PRO B 65 -16.90 -22.14 8.60
C PRO B 65 -15.68 -22.86 8.03
N GLN B 66 -15.49 -24.11 8.48
CA GLN B 66 -14.41 -24.98 7.99
C GLN B 66 -13.00 -24.40 8.20
N VAL B 67 -12.82 -23.76 9.35
CA VAL B 67 -11.51 -23.24 9.75
C VAL B 67 -10.93 -24.17 10.80
N THR B 68 -9.64 -24.48 10.66
CA THR B 68 -8.87 -25.20 11.67
C THR B 68 -7.67 -24.34 12.06
N ILE B 69 -7.40 -24.26 13.35
CA ILE B 69 -6.28 -23.47 13.89
C ILE B 69 -5.49 -24.34 14.84
N GLY B 70 -4.19 -24.44 14.57
CA GLY B 70 -3.30 -25.30 15.33
C GLY B 70 -2.71 -24.69 16.59
N ALA B 71 -2.14 -25.57 17.41
CA ALA B 71 -1.58 -25.22 18.73
C ALA B 71 -0.58 -24.08 18.73
N GLY B 72 -0.67 -23.23 19.74
CA GLY B 72 0.28 -22.14 19.91
C GLY B 72 -0.04 -20.90 19.08
N THR B 73 -1.01 -20.99 18.17
CA THR B 73 -1.34 -19.85 17.32
C THR B 73 -2.04 -18.76 18.12
N LYS B 74 -1.74 -17.51 17.77
CA LYS B 74 -2.33 -16.33 18.41
C LYS B 74 -2.89 -15.37 17.37
N LEU B 75 -4.19 -15.10 17.45
CA LEU B 75 -4.83 -14.01 16.68
C LEU B 75 -5.01 -12.85 17.65
N HIS B 76 -4.64 -11.67 17.20
CA HIS B 76 -4.86 -10.43 17.96
C HIS B 76 -6.33 -10.02 17.81
N SER B 77 -6.68 -8.80 18.20
CA SER B 77 -8.05 -8.33 17.94
C SER B 77 -8.30 -8.18 16.43
N HIS B 78 -9.57 -8.11 16.06
CA HIS B 78 -9.97 -7.70 14.71
C HIS B 78 -9.31 -8.56 13.58
N VAL B 79 -9.23 -9.86 13.77
CA VAL B 79 -8.81 -10.72 12.68
C VAL B 79 -10.04 -11.39 12.06
N VAL B 80 -10.13 -11.38 10.73
CA VAL B 80 -11.20 -12.14 10.05
C VAL B 80 -10.60 -13.34 9.33
N VAL B 81 -11.05 -14.54 9.69
CA VAL B 81 -10.71 -15.72 8.91
C VAL B 81 -11.99 -16.12 8.19
N GLY B 82 -12.04 -15.89 6.88
CA GLY B 82 -13.34 -15.98 6.16
C GLY B 82 -13.94 -17.38 6.18
N GLY B 83 -13.11 -18.37 5.88
CA GLY B 83 -13.55 -19.76 5.92
C GLY B 83 -12.61 -20.64 5.15
N PHE B 84 -12.85 -21.95 5.23
CA PHE B 84 -12.13 -22.93 4.40
C PHE B 84 -10.64 -22.70 4.44
N THR B 85 -10.11 -22.67 5.66
CA THR B 85 -8.72 -22.34 5.90
C THR B 85 -8.15 -23.26 6.96
N ARG B 86 -6.96 -23.78 6.67
CA ARG B 86 -6.20 -24.55 7.66
C ARG B 86 -5.02 -23.73 8.07
N ILE B 87 -4.87 -23.52 9.38
CA ILE B 87 -3.76 -22.76 9.95
C ILE B 87 -3.00 -23.66 10.92
N GLY B 88 -1.69 -23.70 10.77
CA GLY B 88 -0.85 -24.56 11.61
C GLY B 88 -0.52 -24.01 12.98
N GLN B 89 0.64 -24.42 13.48
CA GLN B 89 1.04 -24.12 14.86
C GLN B 89 1.90 -22.86 14.97
N ASN B 90 1.75 -22.18 16.10
CA ASN B 90 2.60 -21.03 16.47
C ASN B 90 2.59 -19.87 15.46
N ASN B 91 1.47 -19.67 14.77
CA ASN B 91 1.32 -18.50 13.91
C ASN B 91 0.92 -17.31 14.75
N GLU B 92 1.26 -16.12 14.29
CA GLU B 92 0.76 -14.91 14.97
C GLU B 92 0.16 -14.00 13.91
N ILE B 93 -1.13 -13.71 14.06
CA ILE B 93 -1.90 -12.93 13.08
C ILE B 93 -2.42 -11.65 13.74
N PHE B 94 -2.00 -10.50 13.18
CA PHE B 94 -2.30 -9.19 13.75
C PHE B 94 -3.62 -8.57 13.24
N GLN B 95 -4.05 -7.52 13.95
CA GLN B 95 -5.31 -6.85 13.70
C GLN B 95 -5.47 -6.40 12.25
N PHE B 96 -6.71 -6.50 11.77
CA PHE B 96 -7.10 -6.07 10.43
C PHE B 96 -6.56 -6.97 9.30
N ALA B 97 -6.00 -8.13 9.64
CA ALA B 97 -5.67 -9.14 8.62
C ALA B 97 -6.95 -9.85 8.17
N SER B 98 -7.10 -10.05 6.86
CA SER B 98 -8.22 -10.78 6.26
C SER B 98 -7.60 -12.06 5.75
N VAL B 99 -7.94 -13.18 6.39
CA VAL B 99 -7.24 -14.44 6.14
C VAL B 99 -8.23 -15.45 5.61
N GLY B 100 -7.93 -16.01 4.43
CA GLY B 100 -8.78 -17.02 3.83
C GLY B 100 -10.14 -16.48 3.45
N GLU B 101 -10.14 -15.37 2.74
CA GLU B 101 -11.35 -14.80 2.17
C GLU B 101 -11.44 -15.23 0.70
N VAL B 102 -12.65 -15.22 0.13
CA VAL B 102 -12.81 -15.52 -1.28
C VAL B 102 -11.95 -14.57 -2.12
N CYS B 103 -11.43 -15.09 -3.22
CA CYS B 103 -10.49 -14.33 -4.05
C CYS B 103 -11.18 -13.26 -4.88
N GLN B 104 -10.35 -12.49 -5.57
CA GLN B 104 -10.77 -11.35 -6.39
C GLN B 104 -10.85 -11.66 -7.88
N ASP B 105 -10.60 -12.92 -8.25
CA ASP B 105 -10.67 -13.33 -9.66
C ASP B 105 -12.13 -13.27 -10.09
N LEU B 106 -12.41 -12.56 -11.18
CA LEU B 106 -13.77 -12.47 -11.69
C LEU B 106 -14.28 -13.81 -12.25
N LYS B 107 -13.35 -14.74 -12.47
CA LYS B 107 -13.72 -16.11 -12.90
C LYS B 107 -14.30 -16.94 -11.78
N TYR B 108 -14.00 -16.56 -10.52
CA TYR B 108 -14.46 -17.33 -9.36
C TYR B 108 -16.00 -17.23 -9.19
N LYS B 109 -16.67 -18.38 -9.02
CA LYS B 109 -18.15 -18.43 -8.95
C LYS B 109 -18.67 -19.17 -7.70
N GLY B 110 -18.00 -18.99 -6.56
CA GLY B 110 -18.47 -19.52 -5.29
C GLY B 110 -18.14 -20.97 -4.98
N GLU B 111 -17.23 -21.57 -5.76
CA GLU B 111 -16.89 -22.98 -5.59
C GLU B 111 -16.11 -23.19 -4.30
N GLU B 112 -16.15 -24.40 -3.77
CA GLU B 112 -15.40 -24.70 -2.57
C GLU B 112 -13.90 -24.70 -2.89
N THR B 113 -13.17 -23.74 -2.30
CA THR B 113 -11.72 -23.65 -2.46
C THR B 113 -11.09 -23.26 -1.11
N TRP B 114 -9.78 -23.46 -1.02
CA TRP B 114 -9.12 -23.48 0.28
C TRP B 114 -7.89 -22.58 0.36
N LEU B 115 -7.51 -22.27 1.61
CA LEU B 115 -6.23 -21.67 1.93
C LEU B 115 -5.59 -22.55 2.99
N GLU B 116 -4.30 -22.87 2.80
CA GLU B 116 -3.50 -23.55 3.82
C GLU B 116 -2.35 -22.66 4.25
N ILE B 117 -2.19 -22.53 5.57
CA ILE B 117 -1.06 -21.84 6.17
C ILE B 117 -0.34 -22.82 7.10
N GLY B 118 1.00 -22.87 7.04
CA GLY B 118 1.79 -23.78 7.89
C GLY B 118 2.00 -23.24 9.29
N ASN B 119 3.25 -23.30 9.75
CA ASN B 119 3.60 -23.00 11.14
C ASN B 119 4.53 -21.81 11.29
N ASN B 120 4.46 -21.14 12.45
CA ASN B 120 5.42 -20.12 12.81
C ASN B 120 5.52 -18.95 11.84
N ASN B 121 4.38 -18.57 11.28
CA ASN B 121 4.34 -17.44 10.36
C ASN B 121 3.97 -16.21 11.15
N LEU B 122 4.49 -15.08 10.70
CA LEU B 122 4.08 -13.79 11.23
C LEU B 122 3.28 -13.06 10.17
N ILE B 123 1.99 -12.86 10.42
CA ILE B 123 1.09 -12.21 9.44
C ILE B 123 0.66 -10.86 10.02
N ARG B 124 1.23 -9.79 9.48
CA ARG B 124 1.03 -8.48 10.08
C ARG B 124 -0.27 -7.79 9.70
N GLU B 125 -0.45 -6.58 10.24
CA GLU B 125 -1.69 -5.83 10.07
C GLU B 125 -2.04 -5.64 8.60
N HIS B 126 -3.33 -5.75 8.29
CA HIS B 126 -3.85 -5.40 6.94
C HIS B 126 -3.39 -6.35 5.83
N CYS B 127 -2.80 -7.48 6.17
CA CYS B 127 -2.53 -8.51 5.14
C CYS B 127 -3.86 -9.04 4.60
N SER B 128 -3.82 -9.54 3.37
CA SER B 128 -4.99 -10.16 2.77
C SER B 128 -4.56 -11.42 2.02
N LEU B 129 -5.08 -12.57 2.45
CA LEU B 129 -4.68 -13.88 1.92
C LEU B 129 -5.94 -14.55 1.39
N HIS B 130 -5.96 -14.80 0.09
CA HIS B 130 -7.19 -15.26 -0.58
C HIS B 130 -7.16 -16.71 -0.99
N ARG B 131 -8.34 -17.35 -1.00
CA ARG B 131 -8.45 -18.79 -1.30
C ARG B 131 -8.34 -19.04 -2.81
N GLY B 132 -8.18 -20.31 -3.21
CA GLY B 132 -7.90 -20.68 -4.60
C GLY B 132 -9.09 -20.57 -5.55
N THR B 133 -8.86 -20.98 -6.80
CA THR B 133 -9.92 -21.04 -7.81
C THR B 133 -9.93 -22.44 -8.42
N VAL B 134 -11.07 -22.85 -8.96
CA VAL B 134 -11.15 -24.20 -9.57
C VAL B 134 -10.42 -24.27 -10.91
N GLN B 135 -10.16 -23.11 -11.52
CA GLN B 135 -9.35 -23.02 -12.73
C GLN B 135 -7.93 -23.52 -12.54
N ASP B 136 -7.44 -23.49 -11.30
CA ASP B 136 -6.12 -24.02 -10.98
C ASP B 136 -6.25 -25.33 -10.20
N ASN B 137 -5.96 -25.29 -8.91
CA ASN B 137 -6.06 -26.48 -8.06
C ASN B 137 -6.84 -26.21 -6.77
N ALA B 138 -7.66 -25.16 -6.79
CA ALA B 138 -8.58 -24.83 -5.67
C ALA B 138 -7.86 -24.61 -4.34
N LEU B 139 -6.63 -24.12 -4.39
CA LEU B 139 -5.85 -24.01 -3.17
C LEU B 139 -4.78 -22.91 -3.23
N THR B 140 -4.80 -22.06 -2.23
CA THR B 140 -3.70 -21.14 -1.96
C THR B 140 -2.92 -21.74 -0.81
N LYS B 141 -1.59 -21.76 -0.90
CA LYS B 141 -0.79 -22.43 0.14
C LYS B 141 0.43 -21.61 0.52
N ILE B 142 0.60 -21.44 1.83
CA ILE B 142 1.73 -20.74 2.41
C ILE B 142 2.39 -21.69 3.40
N GLY B 143 3.71 -21.73 3.43
CA GLY B 143 4.40 -22.69 4.28
C GLY B 143 4.63 -22.21 5.68
N SER B 144 5.89 -22.28 6.11
CA SER B 144 6.24 -22.02 7.50
C SER B 144 7.35 -20.96 7.67
N HIS B 145 7.40 -20.32 8.85
CA HIS B 145 8.46 -19.35 9.17
C HIS B 145 8.54 -18.17 8.20
N ASN B 146 7.42 -17.79 7.62
CA ASN B 146 7.35 -16.62 6.76
C ASN B 146 6.99 -15.39 7.55
N LEU B 147 7.55 -14.25 7.14
CA LEU B 147 7.16 -12.94 7.65
C LEU B 147 6.43 -12.19 6.54
N LEU B 148 5.14 -11.94 6.76
CA LEU B 148 4.36 -11.11 5.86
C LEU B 148 4.12 -9.78 6.55
N MET B 149 4.86 -8.76 6.13
CA MET B 149 4.76 -7.45 6.73
C MET B 149 3.44 -6.74 6.37
N VAL B 150 3.21 -5.54 6.94
CA VAL B 150 1.89 -4.91 6.84
C VAL B 150 1.42 -4.85 5.39
N ASN B 151 0.18 -5.25 5.16
CA ASN B 151 -0.42 -5.18 3.83
C ASN B 151 0.30 -6.04 2.82
N THR B 152 0.67 -7.25 3.20
CA THR B 152 1.10 -8.21 2.20
C THR B 152 -0.15 -8.85 1.59
N HIS B 153 -0.25 -8.82 0.27
CA HIS B 153 -1.40 -9.49 -0.41
C HIS B 153 -0.92 -10.76 -1.08
N ILE B 154 -1.54 -11.88 -0.72
CA ILE B 154 -1.30 -13.16 -1.39
C ILE B 154 -2.58 -13.56 -2.11
N ALA B 155 -2.59 -13.40 -3.43
CA ALA B 155 -3.76 -13.73 -4.24
C ALA B 155 -4.11 -15.23 -4.33
N HIS B 156 -5.32 -15.51 -4.82
CA HIS B 156 -5.71 -16.88 -5.14
C HIS B 156 -4.60 -17.70 -5.80
N ASP B 157 -4.45 -18.93 -5.33
CA ASP B 157 -3.66 -19.97 -6.04
C ASP B 157 -2.15 -19.80 -5.92
N CYS B 158 -1.70 -18.85 -5.11
CA CYS B 158 -0.27 -18.72 -4.87
C CYS B 158 0.18 -19.93 -4.08
N ILE B 159 1.43 -20.32 -4.33
CA ILE B 159 2.12 -21.30 -3.50
C ILE B 159 3.37 -20.63 -2.98
N VAL B 160 3.52 -20.57 -1.67
CA VAL B 160 4.65 -19.92 -1.04
C VAL B 160 5.27 -20.95 -0.12
N GLY B 161 6.59 -21.08 -0.17
CA GLY B 161 7.28 -22.02 0.67
C GLY B 161 7.60 -21.48 2.07
N ASP B 162 8.84 -21.66 2.49
CA ASP B 162 9.24 -21.38 3.87
C ASP B 162 10.32 -20.30 3.97
N HIS B 163 10.36 -19.64 5.14
CA HIS B 163 11.41 -18.69 5.51
C HIS B 163 11.51 -17.49 4.56
N ASN B 164 10.38 -17.08 4.00
CA ASN B 164 10.32 -15.93 3.10
C ASN B 164 10.00 -14.67 3.87
N ILE B 165 10.40 -13.53 3.32
CA ILE B 165 10.06 -12.23 3.91
C ILE B 165 9.42 -11.37 2.85
N PHE B 166 8.20 -10.91 3.13
CA PHE B 166 7.54 -9.99 2.23
C PHE B 166 7.46 -8.67 3.00
N ALA B 167 8.11 -7.65 2.46
CA ALA B 167 8.11 -6.34 3.11
C ALA B 167 6.76 -5.64 2.91
N ASN B 168 6.60 -4.48 3.57
CA ASN B 168 5.31 -3.76 3.51
C ASN B 168 4.77 -3.57 2.10
N ASN B 169 3.45 -3.68 1.97
CA ASN B 169 2.75 -3.36 0.72
C ASN B 169 3.10 -4.22 -0.50
N VAL B 170 3.60 -5.43 -0.28
CA VAL B 170 3.87 -6.33 -1.39
C VAL B 170 2.57 -6.98 -1.91
N GLY B 171 2.34 -6.84 -3.22
CA GLY B 171 1.19 -7.43 -3.87
C GLY B 171 1.59 -8.60 -4.73
N VAL B 172 1.20 -9.80 -4.31
CA VAL B 172 1.52 -10.99 -5.10
C VAL B 172 0.24 -11.45 -5.81
N ALA B 173 0.23 -11.36 -7.14
CA ALA B 173 -0.96 -11.67 -7.92
C ALA B 173 -1.18 -13.19 -8.06
N GLY B 174 -2.26 -13.58 -8.75
CA GLY B 174 -2.70 -14.99 -8.78
C GLY B 174 -1.70 -15.99 -9.31
N HIS B 175 -1.69 -17.20 -8.73
CA HIS B 175 -0.95 -18.35 -9.27
C HIS B 175 0.57 -18.19 -9.19
N VAL B 176 1.05 -17.24 -8.39
CA VAL B 176 2.51 -17.06 -8.26
C VAL B 176 3.06 -18.17 -7.39
N HIS B 177 4.19 -18.73 -7.81
CA HIS B 177 4.89 -19.74 -7.01
C HIS B 177 6.19 -19.21 -6.44
N ILE B 178 6.26 -19.14 -5.11
CA ILE B 178 7.44 -18.66 -4.39
C ILE B 178 8.07 -19.81 -3.62
N GLY B 179 9.40 -19.94 -3.73
CA GLY B 179 10.12 -21.01 -3.06
C GLY B 179 10.42 -20.69 -1.62
N ASP B 180 11.66 -20.93 -1.21
CA ASP B 180 12.09 -20.71 0.18
C ASP B 180 13.17 -19.64 0.25
N HIS B 181 13.24 -18.96 1.41
CA HIS B 181 14.32 -17.99 1.68
C HIS B 181 14.38 -16.83 0.68
N VAL B 182 13.21 -16.46 0.14
CA VAL B 182 13.09 -15.31 -0.76
C VAL B 182 12.84 -14.04 0.04
N ILE B 183 13.40 -12.91 -0.39
CA ILE B 183 13.09 -11.63 0.23
C ILE B 183 12.47 -10.75 -0.84
N VAL B 184 11.28 -10.21 -0.57
CA VAL B 184 10.61 -9.29 -1.51
C VAL B 184 10.53 -7.89 -0.88
N GLY B 185 11.21 -6.92 -1.50
CA GLY B 185 11.29 -5.55 -0.97
C GLY B 185 9.95 -4.83 -0.98
N GLY B 186 9.83 -3.80 -0.15
CA GLY B 186 8.54 -3.12 0.03
C GLY B 186 7.99 -2.43 -1.21
N ASN B 187 6.65 -2.30 -1.26
CA ASN B 187 5.94 -1.66 -2.35
C ASN B 187 6.21 -2.33 -3.72
N SER B 188 6.45 -3.65 -3.70
CA SER B 188 6.69 -4.37 -4.94
C SER B 188 5.44 -5.11 -5.38
N GLY B 189 5.40 -5.49 -6.65
CA GLY B 189 4.29 -6.26 -7.22
C GLY B 189 4.85 -7.42 -8.01
N ILE B 190 4.14 -8.56 -7.98
CA ILE B 190 4.54 -9.74 -8.77
C ILE B 190 3.36 -10.16 -9.62
N HIS B 191 3.59 -10.19 -10.93
CA HIS B 191 2.59 -10.46 -11.95
C HIS B 191 2.14 -11.91 -11.85
N GLN B 192 0.87 -12.17 -12.17
CA GLN B 192 0.33 -13.51 -12.14
C GLN B 192 1.21 -14.54 -12.86
N PHE B 193 1.26 -15.74 -12.28
CA PHE B 193 1.94 -16.91 -12.86
C PHE B 193 3.47 -16.94 -12.78
N CYS B 194 4.08 -15.87 -12.27
CA CYS B 194 5.56 -15.85 -12.15
C CYS B 194 6.05 -16.84 -11.10
N LYS B 195 7.24 -17.39 -11.34
CA LYS B 195 7.89 -18.31 -10.41
C LYS B 195 9.11 -17.63 -9.83
N ILE B 196 9.11 -17.47 -8.51
CA ILE B 196 10.17 -16.76 -7.79
C ILE B 196 10.89 -17.81 -6.96
N ASP B 197 12.09 -18.18 -7.41
CA ASP B 197 12.74 -19.35 -6.82
C ASP B 197 13.60 -19.06 -5.60
N SER B 198 13.99 -20.13 -4.92
CA SER B 198 14.56 -20.04 -3.57
C SER B 198 15.81 -19.17 -3.54
N TYR B 199 15.98 -18.40 -2.46
CA TYR B 199 17.16 -17.56 -2.19
C TYR B 199 17.27 -16.35 -3.09
N SER B 200 16.25 -16.10 -3.90
CA SER B 200 16.22 -14.90 -4.74
C SER B 200 15.92 -13.65 -3.90
N MET B 201 16.16 -12.49 -4.48
CA MET B 201 15.90 -11.25 -3.76
C MET B 201 15.34 -10.21 -4.71
N ILE B 202 14.18 -9.68 -4.35
CA ILE B 202 13.47 -8.70 -5.18
C ILE B 202 13.63 -7.35 -4.49
N GLY B 203 14.17 -6.38 -5.21
CA GLY B 203 14.41 -5.06 -4.66
C GLY B 203 13.12 -4.33 -4.33
N GLY B 204 13.22 -3.32 -3.48
CA GLY B 204 12.09 -2.41 -3.17
C GLY B 204 11.51 -1.77 -4.42
N ALA B 205 10.19 -1.55 -4.41
CA ALA B 205 9.50 -0.85 -5.49
C ALA B 205 9.67 -1.50 -6.87
N SER B 206 9.78 -2.83 -6.89
CA SER B 206 9.93 -3.52 -8.17
C SER B 206 8.61 -4.06 -8.70
N LEU B 207 8.55 -4.25 -10.01
CA LEU B 207 7.44 -4.97 -10.60
C LEU B 207 8.04 -6.17 -11.34
N ILE B 208 7.71 -7.38 -10.88
CA ILE B 208 8.22 -8.63 -11.46
C ILE B 208 7.25 -9.09 -12.55
N LEU B 209 7.74 -9.19 -13.79
CA LEU B 209 6.91 -9.61 -14.90
C LEU B 209 7.28 -11.00 -15.43
N LYS B 210 8.46 -11.48 -15.04
CA LYS B 210 8.94 -12.77 -15.54
C LYS B 210 9.47 -13.63 -14.39
N ASP B 211 9.85 -14.88 -14.67
CA ASP B 211 10.36 -15.74 -13.60
C ASP B 211 11.72 -15.28 -13.06
N VAL B 212 11.89 -15.38 -11.75
CA VAL B 212 13.14 -15.03 -11.11
C VAL B 212 13.90 -16.28 -10.65
N PRO B 213 15.04 -16.60 -11.30
CA PRO B 213 15.73 -17.84 -10.93
C PRO B 213 16.25 -17.86 -9.49
N ALA B 214 16.54 -19.07 -9.01
CA ALA B 214 17.17 -19.27 -7.70
C ALA B 214 18.41 -18.41 -7.52
N TYR B 215 18.55 -17.84 -6.32
CA TYR B 215 19.74 -17.05 -5.95
C TYR B 215 19.86 -15.68 -6.63
N VAL B 216 18.93 -15.33 -7.52
CA VAL B 216 19.04 -14.12 -8.35
C VAL B 216 18.52 -12.85 -7.66
N MET B 217 19.25 -11.76 -7.82
CA MET B 217 18.78 -10.43 -7.43
C MET B 217 18.08 -9.76 -8.61
N ALA B 218 16.80 -9.43 -8.43
CA ALA B 218 16.01 -8.78 -9.47
C ALA B 218 15.46 -7.47 -8.90
N SER B 219 15.51 -6.41 -9.70
CA SER B 219 15.13 -5.09 -9.20
C SER B 219 14.68 -4.21 -10.35
N GLY B 220 13.70 -3.35 -10.10
CA GLY B 220 13.25 -2.38 -11.09
C GLY B 220 11.78 -2.47 -11.45
N ASN B 221 11.31 -1.45 -12.15
CA ASN B 221 9.93 -1.41 -12.61
C ASN B 221 9.89 -1.20 -14.14
N PRO B 222 9.85 -2.29 -14.93
CA PRO B 222 9.86 -3.72 -14.52
C PRO B 222 11.26 -4.22 -14.14
N ALA B 223 11.34 -5.38 -13.50
CA ALA B 223 12.60 -5.83 -12.88
C ALA B 223 13.56 -6.45 -13.90
N HIS B 224 14.85 -6.30 -13.63
CA HIS B 224 15.92 -6.92 -14.40
C HIS B 224 16.90 -7.59 -13.45
N ALA B 225 17.75 -8.45 -13.97
CA ALA B 225 18.65 -9.27 -13.15
C ALA B 225 19.93 -8.52 -12.87
N PHE B 226 20.42 -8.63 -11.64
CA PHE B 226 21.66 -7.97 -11.17
C PHE B 226 22.57 -8.94 -10.42
N GLY B 227 22.66 -10.17 -10.88
CA GLY B 227 23.65 -11.07 -10.30
C GLY B 227 23.10 -11.92 -9.16
N ILE B 228 24.02 -12.65 -8.52
CA ILE B 228 23.70 -13.59 -7.45
C ILE B 228 23.59 -12.85 -6.11
N ASN B 229 22.69 -13.35 -5.26
CA ASN B 229 22.47 -12.85 -3.91
C ASN B 229 23.60 -13.29 -2.98
N ILE B 230 24.77 -12.69 -3.17
CA ILE B 230 25.99 -13.09 -2.46
C ILE B 230 25.86 -12.90 -0.95
N GLU B 231 25.46 -11.69 -0.54
CA GLU B 231 25.27 -11.36 0.88
C GLU B 231 24.35 -12.35 1.60
N GLY B 232 23.24 -12.73 0.96
CA GLY B 232 22.29 -13.68 1.53
C GLY B 232 22.89 -15.04 1.83
N MET B 233 23.70 -15.54 0.89
CA MET B 233 24.45 -16.79 1.03
C MET B 233 25.34 -16.81 2.25
N ARG B 234 26.28 -15.86 2.29
CA ARG B 234 27.22 -15.72 3.41
C ARG B 234 26.48 -15.69 4.75
N ARG B 235 25.33 -15.02 4.77
CA ARG B 235 24.46 -14.92 5.96
C ARG B 235 23.88 -16.25 6.42
N LYS B 236 23.82 -17.24 5.51
CA LYS B 236 23.39 -18.59 5.87
C LYS B 236 24.60 -19.52 6.06
N GLY B 237 25.80 -18.94 6.00
CA GLY B 237 27.04 -19.66 6.26
C GLY B 237 27.65 -20.39 5.06
N TRP B 238 27.21 -20.04 3.85
CA TRP B 238 27.63 -20.75 2.63
C TRP B 238 29.09 -20.50 2.27
N SER B 239 29.77 -21.53 1.78
CA SER B 239 31.22 -21.47 1.51
C SER B 239 31.54 -20.61 0.29
N LYS B 240 32.80 -20.17 0.21
CA LYS B 240 33.26 -19.35 -0.91
C LYS B 240 33.29 -20.18 -2.21
N ASN B 241 33.62 -21.45 -2.10
CA ASN B 241 33.60 -22.35 -3.26
C ASN B 241 32.19 -22.42 -3.87
N THR B 242 31.20 -22.63 -3.01
CA THR B 242 29.78 -22.70 -3.41
C THR B 242 29.37 -21.39 -4.10
N ILE B 243 29.65 -20.27 -3.46
CA ILE B 243 29.30 -18.95 -3.98
C ILE B 243 29.91 -18.70 -5.38
N GLN B 244 31.22 -18.94 -5.51
CA GLN B 244 31.93 -18.73 -6.78
C GLN B 244 31.34 -19.58 -7.90
N GLY B 245 30.86 -20.77 -7.55
CA GLY B 245 30.25 -21.67 -8.49
C GLY B 245 28.93 -21.13 -9.01
N LEU B 246 28.10 -20.65 -8.08
CA LEU B 246 26.82 -20.04 -8.45
C LEU B 246 27.03 -18.83 -9.36
N ARG B 247 28.06 -18.03 -9.07
CA ARG B 247 28.40 -16.87 -9.92
C ARG B 247 28.83 -17.23 -11.34
N GLU B 248 29.59 -18.33 -11.46
CA GLU B 248 29.98 -18.87 -12.77
C GLU B 248 28.75 -19.32 -13.53
N ALA B 249 27.84 -20.03 -12.84
CA ALA B 249 26.57 -20.46 -13.45
C ALA B 249 25.74 -19.26 -13.90
N TYR B 250 25.68 -18.24 -13.06
CA TYR B 250 25.00 -16.99 -13.43
C TYR B 250 25.60 -16.40 -14.71
N LYS B 251 26.93 -16.35 -14.77
CA LYS B 251 27.65 -15.81 -15.93
C LYS B 251 27.31 -16.57 -17.20
N LEU B 252 27.16 -17.89 -17.07
CA LEU B 252 26.80 -18.75 -18.19
C LEU B 252 25.37 -18.51 -18.68
N ILE B 253 24.45 -18.29 -17.74
CA ILE B 253 23.03 -18.08 -18.07
C ILE B 253 22.77 -16.69 -18.65
N PHE B 254 23.39 -15.67 -18.07
CA PHE B 254 23.03 -14.28 -18.35
C PHE B 254 24.05 -13.49 -19.18
N LYS B 255 25.31 -13.89 -19.12
CA LYS B 255 26.37 -13.03 -19.65
C LYS B 255 27.29 -13.71 -20.68
N SER B 256 27.01 -14.96 -21.01
CA SER B 256 27.89 -15.73 -21.90
C SER B 256 27.33 -15.95 -23.30
N GLY B 257 26.41 -15.08 -23.71
CA GLY B 257 25.74 -15.19 -25.01
C GLY B 257 25.18 -16.58 -25.34
N LEU B 258 24.91 -17.38 -24.31
CA LEU B 258 24.44 -18.76 -24.48
C LEU B 258 22.92 -18.89 -24.43
N THR B 259 22.41 -19.93 -25.08
CA THR B 259 20.99 -20.30 -25.01
C THR B 259 20.69 -20.95 -23.67
N SER B 260 19.40 -20.97 -23.30
CA SER B 260 18.95 -21.66 -22.09
C SER B 260 19.46 -23.10 -22.02
N VAL B 261 19.31 -23.83 -23.12
CA VAL B 261 19.71 -25.25 -23.21
C VAL B 261 21.22 -25.46 -23.05
N GLN B 262 22.02 -24.62 -23.73
CA GLN B 262 23.47 -24.74 -23.70
C GLN B 262 24.06 -24.35 -22.34
N ALA B 263 23.44 -23.36 -21.68
CA ALA B 263 23.84 -22.94 -20.34
C ALA B 263 23.64 -24.08 -19.35
N ILE B 264 22.46 -24.70 -19.39
CA ILE B 264 22.15 -25.88 -18.59
C ILE B 264 23.21 -26.99 -18.78
N ASP B 265 23.59 -27.23 -20.04
CA ASP B 265 24.59 -28.24 -20.35
C ASP B 265 25.97 -27.92 -19.76
N GLN B 266 26.43 -26.68 -19.93
CA GLN B 266 27.72 -26.26 -19.38
C GLN B 266 27.74 -26.23 -17.84
N ILE B 267 26.59 -25.98 -17.23
CA ILE B 267 26.45 -26.04 -15.78
C ILE B 267 26.53 -27.51 -15.32
N LYS B 268 25.82 -28.38 -16.03
CA LYS B 268 25.78 -29.82 -15.73
C LYS B 268 27.16 -30.49 -15.79
N SER B 269 28.03 -29.99 -16.65
CA SER B 269 29.34 -30.62 -16.89
C SER B 269 30.51 -29.97 -16.14
N GLU B 270 30.37 -28.70 -15.74
CA GLU B 270 31.51 -27.99 -15.15
C GLU B 270 31.29 -27.43 -13.74
N ILE B 271 30.03 -27.25 -13.35
CA ILE B 271 29.70 -26.66 -12.05
C ILE B 271 29.00 -27.65 -11.12
N LEU B 272 27.96 -28.32 -11.62
CA LEU B 272 27.10 -29.21 -10.82
C LEU B 272 27.85 -30.34 -10.08
N PRO B 273 28.95 -30.88 -10.67
CA PRO B 273 29.81 -31.82 -9.96
C PRO B 273 30.22 -31.33 -8.56
N SER B 274 30.97 -30.23 -8.51
CA SER B 274 31.51 -29.68 -7.26
C SER B 274 30.54 -28.78 -6.47
N VAL B 275 29.56 -28.22 -7.18
CA VAL B 275 28.55 -27.34 -6.57
C VAL B 275 27.15 -27.90 -6.86
N PRO B 276 26.69 -28.86 -6.04
CA PRO B 276 25.37 -29.47 -6.24
C PRO B 276 24.23 -28.45 -6.09
N GLU B 277 24.53 -27.32 -5.45
CA GLU B 277 23.55 -26.25 -5.24
C GLU B 277 23.12 -25.59 -6.54
N ALA B 278 23.92 -25.77 -7.59
CA ALA B 278 23.62 -25.21 -8.90
C ALA B 278 22.38 -25.81 -9.59
N GLN B 279 21.84 -26.88 -9.02
CA GLN B 279 20.67 -27.56 -9.57
C GLN B 279 19.43 -26.68 -9.52
N LEU B 280 19.30 -25.89 -8.46
CA LEU B 280 18.19 -24.93 -8.33
C LEU B 280 18.10 -24.01 -9.54
N LEU B 281 19.23 -23.50 -9.99
CA LEU B 281 19.30 -22.65 -11.18
C LEU B 281 18.87 -23.38 -12.45
N ILE B 282 19.24 -24.66 -12.56
CA ILE B 282 18.82 -25.48 -13.70
C ILE B 282 17.31 -25.65 -13.66
N ASP B 283 16.78 -26.01 -12.47
CA ASP B 283 15.34 -26.09 -12.24
C ASP B 283 14.60 -24.83 -12.70
N SER B 284 15.09 -23.66 -12.28
CA SER B 284 14.49 -22.38 -12.67
C SER B 284 14.32 -22.28 -14.19
N LEU B 285 15.39 -22.60 -14.91
CA LEU B 285 15.38 -22.49 -16.38
C LEU B 285 14.46 -23.50 -17.06
N GLU B 286 14.46 -24.73 -16.54
CA GLU B 286 13.64 -25.81 -17.10
C GLU B 286 12.14 -25.62 -16.81
N GLN B 287 11.83 -25.09 -15.64
CA GLN B 287 10.45 -24.95 -15.18
C GLN B 287 9.81 -23.62 -15.56
N SER B 288 10.61 -22.71 -16.12
CA SER B 288 10.13 -21.39 -16.52
C SER B 288 9.04 -21.44 -17.60
N GLU B 289 7.92 -20.76 -17.35
CA GLU B 289 6.80 -20.68 -18.30
C GLU B 289 6.55 -19.26 -18.83
N ARG B 290 7.11 -18.25 -18.18
CA ARG B 290 7.00 -16.87 -18.65
C ARG B 290 8.32 -16.35 -19.22
N GLY B 291 9.33 -17.23 -19.24
CA GLY B 291 10.69 -16.78 -19.51
C GLY B 291 11.26 -16.17 -18.24
N ILE B 292 12.57 -16.00 -18.19
CA ILE B 292 13.23 -15.49 -16.99
C ILE B 292 13.53 -14.01 -17.15
N VAL B 293 13.58 -13.30 -16.02
CA VAL B 293 13.96 -11.89 -16.03
C VAL B 293 15.40 -11.82 -16.53
N ARG B 294 15.71 -10.84 -17.37
CA ARG B 294 17.08 -10.72 -17.84
C ARG B 294 17.74 -9.36 -17.54
N ASP C 37 -32.28 -11.45 11.56
CA ASP C 37 -30.80 -11.52 11.78
C ASP C 37 -30.01 -11.18 10.52
N LEU C 38 -30.59 -10.34 9.65
CA LEU C 38 -29.83 -9.84 8.48
C LEU C 38 -28.81 -8.79 8.90
N ILE C 39 -29.17 -8.00 9.90
CA ILE C 39 -28.29 -7.00 10.47
C ILE C 39 -27.79 -7.52 11.81
N HIS C 40 -26.51 -7.89 11.87
CA HIS C 40 -25.95 -8.42 13.12
C HIS C 40 -26.20 -7.46 14.28
N SER C 41 -26.53 -8.00 15.45
CA SER C 41 -26.82 -7.17 16.62
C SER C 41 -25.65 -6.30 17.05
N THR C 42 -24.42 -6.68 16.72
CA THR C 42 -23.25 -5.88 17.07
C THR C 42 -22.94 -4.77 16.06
N ALA C 43 -23.67 -4.71 14.94
CA ALA C 43 -23.54 -3.55 14.04
C ALA C 43 -24.14 -2.33 14.72
N ILE C 44 -23.44 -1.21 14.65
CA ILE C 44 -23.91 0.02 15.25
C ILE C 44 -24.38 0.94 14.14
N ILE C 45 -25.68 1.22 14.15
CA ILE C 45 -26.30 1.91 13.03
C ILE C 45 -26.92 3.22 13.49
N ASP C 46 -26.48 4.32 12.87
CA ASP C 46 -26.98 5.65 13.23
C ASP C 46 -28.50 5.69 13.02
N PRO C 47 -29.24 6.29 13.96
CA PRO C 47 -30.69 6.30 13.81
C PRO C 47 -31.17 6.92 12.49
N SER C 48 -30.36 7.80 11.89
CA SER C 48 -30.68 8.41 10.58
C SER C 48 -30.52 7.48 9.37
N ALA C 49 -29.87 6.34 9.53
CA ALA C 49 -29.63 5.44 8.39
C ALA C 49 -30.90 4.82 7.83
N VAL C 50 -30.92 4.67 6.52
CA VAL C 50 -32.04 4.07 5.83
C VAL C 50 -31.52 2.85 5.12
N ILE C 51 -31.98 1.68 5.54
CA ILE C 51 -31.44 0.43 5.06
C ILE C 51 -32.56 -0.45 4.49
N ALA C 52 -32.41 -0.83 3.22
CA ALA C 52 -33.39 -1.70 2.57
C ALA C 52 -33.55 -3.03 3.32
N SER C 53 -34.71 -3.66 3.21
CA SER C 53 -35.09 -4.73 4.14
C SER C 53 -34.33 -6.06 4.00
N ASP C 54 -33.71 -6.27 2.85
CA ASP C 54 -32.96 -7.51 2.64
C ASP C 54 -31.44 -7.28 2.70
N VAL C 55 -31.03 -6.10 3.14
CA VAL C 55 -29.60 -5.80 3.29
C VAL C 55 -28.97 -6.65 4.41
N GLN C 56 -27.80 -7.21 4.13
CA GLN C 56 -27.04 -7.94 5.11
C GLN C 56 -25.93 -7.05 5.63
N ILE C 57 -25.78 -6.97 6.95
CA ILE C 57 -24.71 -6.20 7.58
C ILE C 57 -24.06 -7.10 8.65
N GLY C 58 -22.77 -7.36 8.50
CA GLY C 58 -22.08 -8.32 9.36
C GLY C 58 -21.70 -7.75 10.72
N PRO C 59 -21.11 -8.59 11.56
CA PRO C 59 -20.78 -8.17 12.92
C PRO C 59 -19.81 -7.00 12.95
N TYR C 60 -19.99 -6.09 13.92
CA TYR C 60 -19.04 -5.01 14.21
C TYR C 60 -18.92 -3.96 13.12
N CYS C 61 -19.90 -3.88 12.22
CA CYS C 61 -19.95 -2.78 11.26
C CYS C 61 -20.39 -1.50 11.97
N ILE C 62 -20.00 -0.36 11.40
CA ILE C 62 -20.40 0.96 11.89
C ILE C 62 -21.00 1.70 10.71
N ILE C 63 -22.26 2.12 10.83
CA ILE C 63 -22.95 2.91 9.80
C ILE C 63 -23.23 4.26 10.40
N GLY C 64 -22.64 5.30 9.79
CA GLY C 64 -22.76 6.65 10.32
C GLY C 64 -24.02 7.40 9.90
N PRO C 65 -24.09 8.69 10.22
CA PRO C 65 -25.30 9.44 9.91
C PRO C 65 -25.49 9.69 8.41
N GLN C 66 -26.74 9.81 7.98
CA GLN C 66 -27.07 10.10 6.60
C GLN C 66 -26.55 9.06 5.60
N VAL C 67 -26.63 7.80 5.95
CA VAL C 67 -26.22 6.74 5.03
C VAL C 67 -27.48 6.04 4.52
N THR C 68 -27.51 5.73 3.23
CA THR C 68 -28.57 4.89 2.68
C THR C 68 -27.96 3.69 1.95
N ILE C 69 -28.55 2.52 2.16
CA ILE C 69 -28.03 1.28 1.56
C ILE C 69 -29.19 0.58 0.83
N GLY C 70 -29.04 0.36 -0.47
CA GLY C 70 -30.09 -0.23 -1.30
C GLY C 70 -30.19 -1.75 -1.24
N ALA C 71 -31.29 -2.26 -1.79
CA ALA C 71 -31.62 -3.69 -1.78
C ALA C 71 -30.54 -4.62 -2.32
N GLY C 72 -30.36 -5.75 -1.63
CA GLY C 72 -29.47 -6.81 -2.08
C GLY C 72 -28.00 -6.57 -1.73
N THR C 73 -27.69 -5.44 -1.12
CA THR C 73 -26.31 -5.15 -0.74
C THR C 73 -25.93 -6.00 0.48
N LYS C 74 -24.67 -6.38 0.54
CA LYS C 74 -24.13 -7.16 1.65
C LYS C 74 -22.83 -6.48 2.13
N LEU C 75 -22.81 -6.13 3.42
CA LEU C 75 -21.58 -5.73 4.09
C LEU C 75 -21.13 -6.92 4.94
N HIS C 76 -19.85 -7.27 4.83
CA HIS C 76 -19.23 -8.27 5.68
C HIS C 76 -19.06 -7.70 7.08
N SER C 77 -18.29 -8.37 7.95
CA SER C 77 -17.98 -7.82 9.27
C SER C 77 -17.07 -6.61 9.10
N HIS C 78 -17.00 -5.76 10.13
CA HIS C 78 -15.90 -4.78 10.24
C HIS C 78 -15.83 -3.77 9.06
N VAL C 79 -17.00 -3.42 8.51
CA VAL C 79 -17.10 -2.32 7.53
C VAL C 79 -17.47 -1.00 8.24
N VAL C 80 -16.79 0.08 7.87
CA VAL C 80 -17.15 1.41 8.36
C VAL C 80 -17.67 2.25 7.22
N VAL C 81 -18.94 2.68 7.32
CA VAL C 81 -19.50 3.69 6.42
C VAL C 81 -19.55 4.97 7.25
N GLY C 82 -18.65 5.89 6.94
CA GLY C 82 -18.46 7.06 7.77
C GLY C 82 -19.68 7.95 7.92
N GLY C 83 -20.30 8.29 6.80
CA GLY C 83 -21.44 9.20 6.80
C GLY C 83 -21.74 9.69 5.40
N PHE C 84 -22.91 10.31 5.24
CA PHE C 84 -23.25 11.05 4.02
C PHE C 84 -22.89 10.28 2.76
N THR C 85 -23.42 9.06 2.71
CA THR C 85 -23.12 8.10 1.64
C THR C 85 -24.39 7.42 1.16
N ARG C 86 -24.53 7.35 -0.16
CA ARG C 86 -25.63 6.63 -0.81
C ARG C 86 -25.05 5.40 -1.49
N ILE C 87 -25.51 4.23 -1.09
CA ILE C 87 -25.06 2.95 -1.64
C ILE C 87 -26.26 2.33 -2.32
N GLY C 88 -26.09 1.93 -3.58
CA GLY C 88 -27.15 1.31 -4.39
C GLY C 88 -27.36 -0.17 -4.11
N GLN C 89 -27.77 -0.89 -5.14
CA GLN C 89 -28.29 -2.24 -4.95
C GLN C 89 -27.24 -3.27 -5.26
N ASN C 90 -27.30 -4.40 -4.56
CA ASN C 90 -26.50 -5.56 -4.90
C ASN C 90 -24.99 -5.28 -4.85
N ASN C 91 -24.59 -4.39 -3.95
CA ASN C 91 -23.17 -4.17 -3.73
C ASN C 91 -22.64 -5.19 -2.73
N GLU C 92 -21.33 -5.43 -2.71
CA GLU C 92 -20.74 -6.26 -1.67
C GLU C 92 -19.47 -5.59 -1.18
N ILE C 93 -19.42 -5.34 0.13
CA ILE C 93 -18.34 -4.58 0.73
C ILE C 93 -17.71 -5.45 1.81
N PHE C 94 -16.39 -5.63 1.70
CA PHE C 94 -15.66 -6.57 2.54
C PHE C 94 -15.05 -5.89 3.77
N GLN C 95 -14.70 -6.71 4.75
CA GLN C 95 -14.10 -6.26 6.00
C GLN C 95 -12.96 -5.27 5.84
N PHE C 96 -12.94 -4.30 6.76
CA PHE C 96 -11.88 -3.29 6.87
C PHE C 96 -11.88 -2.27 5.75
N ALA C 97 -12.97 -2.19 4.98
CA ALA C 97 -13.19 -1.10 4.03
C ALA C 97 -13.65 0.15 4.79
N SER C 98 -13.06 1.30 4.44
CA SER C 98 -13.49 2.59 4.94
C SER C 98 -14.24 3.33 3.83
N VAL C 99 -15.56 3.40 3.97
CA VAL C 99 -16.42 3.83 2.87
C VAL C 99 -17.11 5.11 3.29
N GLY C 100 -16.96 6.16 2.48
CA GLY C 100 -17.64 7.41 2.80
C GLY C 100 -17.10 8.11 4.03
N GLU C 101 -15.78 8.18 4.12
CA GLU C 101 -15.12 8.96 5.18
C GLU C 101 -14.75 10.36 4.64
N VAL C 102 -14.56 11.32 5.55
CA VAL C 102 -14.11 12.68 5.14
C VAL C 102 -12.81 12.64 4.35
N CYS C 103 -12.67 13.56 3.41
CA CYS C 103 -11.52 13.59 2.52
C CYS C 103 -10.24 13.95 3.26
N GLN C 104 -9.11 13.82 2.55
CA GLN C 104 -7.79 14.10 3.09
C GLN C 104 -7.31 15.51 2.74
N ASP C 105 -8.15 16.24 1.99
CA ASP C 105 -7.79 17.58 1.54
C ASP C 105 -7.71 18.50 2.75
N LEU C 106 -6.56 19.16 2.91
CA LEU C 106 -6.35 20.05 4.06
C LEU C 106 -7.17 21.35 4.01
N LYS C 107 -7.70 21.69 2.84
CA LYS C 107 -8.64 22.81 2.71
C LYS C 107 -10.02 22.52 3.34
N TYR C 108 -10.32 21.24 3.53
CA TYR C 108 -11.62 20.82 4.09
C TYR C 108 -11.96 21.52 5.40
N LYS C 109 -13.19 22.02 5.51
CA LYS C 109 -13.58 22.78 6.70
C LYS C 109 -14.91 22.30 7.30
N GLY C 110 -15.17 21.00 7.19
CA GLY C 110 -16.38 20.42 7.80
C GLY C 110 -17.66 20.61 7.00
N GLU C 111 -17.56 21.03 5.75
CA GLU C 111 -18.75 21.29 4.93
C GLU C 111 -19.48 19.99 4.61
N GLU C 112 -20.78 20.08 4.32
CA GLU C 112 -21.54 18.88 3.98
C GLU C 112 -21.18 18.40 2.58
N THR C 113 -20.60 17.19 2.50
CA THR C 113 -20.23 16.60 1.20
C THR C 113 -20.53 15.11 1.20
N TRP C 114 -20.57 14.53 0.01
CA TRP C 114 -21.19 13.23 -0.20
C TRP C 114 -20.33 12.25 -0.97
N LEU C 115 -20.62 10.97 -0.77
CA LEU C 115 -20.17 9.88 -1.64
C LEU C 115 -21.41 9.16 -2.16
N GLU C 116 -21.40 8.86 -3.46
CA GLU C 116 -22.39 8.00 -4.09
C GLU C 116 -21.75 6.80 -4.75
N ILE C 117 -22.37 5.65 -4.50
CA ILE C 117 -21.97 4.38 -5.08
C ILE C 117 -23.20 3.78 -5.73
N GLY C 118 -23.08 3.35 -6.99
CA GLY C 118 -24.19 2.73 -7.74
C GLY C 118 -24.48 1.28 -7.35
N ASN C 119 -24.62 0.41 -8.35
CA ASN C 119 -25.10 -0.94 -8.15
C ASN C 119 -24.06 -1.99 -8.52
N ASN C 120 -24.17 -3.18 -7.92
CA ASN C 120 -23.38 -4.33 -8.31
C ASN C 120 -21.87 -4.12 -8.30
N ASN C 121 -21.39 -3.32 -7.34
CA ASN C 121 -19.95 -3.12 -7.16
C ASN C 121 -19.38 -4.11 -6.14
N LEU C 122 -18.09 -4.39 -6.28
CA LEU C 122 -17.37 -5.24 -5.32
C LEU C 122 -16.29 -4.35 -4.72
N ILE C 123 -16.35 -4.14 -3.40
CA ILE C 123 -15.37 -3.27 -2.74
C ILE C 123 -14.61 -4.10 -1.72
N ARG C 124 -13.32 -4.32 -1.97
CA ARG C 124 -12.57 -5.33 -1.23
C ARG C 124 -11.95 -4.75 0.04
N GLU C 125 -11.32 -5.63 0.82
CA GLU C 125 -10.72 -5.26 2.11
C GLU C 125 -9.80 -4.05 1.98
N HIS C 126 -9.87 -3.16 2.98
CA HIS C 126 -8.91 -2.08 3.16
C HIS C 126 -9.03 -0.99 2.09
N CYS C 127 -10.10 -0.97 1.30
CA CYS C 127 -10.35 0.19 0.42
C CYS C 127 -10.62 1.45 1.23
N SER C 128 -10.42 2.61 0.64
CA SER C 128 -10.79 3.87 1.27
C SER C 128 -11.44 4.75 0.19
N LEU C 129 -12.71 5.08 0.40
CA LEU C 129 -13.49 5.89 -0.53
C LEU C 129 -13.90 7.14 0.23
N HIS C 130 -13.44 8.29 -0.24
CA HIS C 130 -13.66 9.52 0.51
C HIS C 130 -14.66 10.45 -0.13
N ARG C 131 -15.34 11.24 0.70
CA ARG C 131 -16.35 12.19 0.25
C ARG C 131 -15.73 13.42 -0.43
N GLY C 132 -16.57 14.16 -1.14
CA GLY C 132 -16.17 15.34 -1.91
C GLY C 132 -15.73 16.56 -1.13
N THR C 133 -15.47 17.64 -1.87
CA THR C 133 -15.14 18.95 -1.32
C THR C 133 -15.98 20.03 -1.99
N VAL C 134 -16.25 21.11 -1.26
CA VAL C 134 -17.11 22.19 -1.78
C VAL C 134 -16.45 22.90 -2.94
N GLN C 135 -15.12 22.84 -2.98
CA GLN C 135 -14.35 23.49 -4.05
C GLN C 135 -14.68 22.91 -5.40
N ASP C 136 -15.13 21.65 -5.43
CA ASP C 136 -15.53 21.02 -6.67
C ASP C 136 -17.06 21.02 -6.72
N ASN C 137 -17.68 19.85 -6.51
CA ASN C 137 -19.14 19.74 -6.51
C ASN C 137 -19.66 18.99 -5.27
N ALA C 138 -18.81 18.91 -4.24
CA ALA C 138 -19.17 18.25 -2.98
C ALA C 138 -19.60 16.79 -3.14
N LEU C 139 -19.04 16.11 -4.12
CA LEU C 139 -19.45 14.75 -4.40
C LEU C 139 -18.32 13.88 -4.95
N THR C 140 -18.18 12.69 -4.38
CA THR C 140 -17.41 11.60 -4.98
C THR C 140 -18.41 10.60 -5.50
N LYS C 141 -18.26 10.15 -6.74
CA LYS C 141 -19.25 9.25 -7.30
C LYS C 141 -18.60 8.06 -7.99
N ILE C 142 -19.13 6.87 -7.71
CA ILE C 142 -18.76 5.64 -8.39
C ILE C 142 -20.04 5.05 -8.97
N GLY C 143 -19.94 4.48 -10.18
CA GLY C 143 -21.11 3.95 -10.89
C GLY C 143 -21.40 2.51 -10.48
N SER C 144 -21.49 1.63 -11.47
CA SER C 144 -22.00 0.28 -11.28
C SER C 144 -21.08 -0.77 -11.89
N HIS C 145 -21.12 -1.98 -11.33
CA HIS C 145 -20.39 -3.13 -11.86
C HIS C 145 -18.87 -2.97 -11.81
N ASN C 146 -18.39 -2.19 -10.82
CA ASN C 146 -16.95 -1.99 -10.60
C ASN C 146 -16.34 -2.96 -9.60
N LEU C 147 -15.06 -3.27 -9.83
CA LEU C 147 -14.29 -4.09 -8.89
C LEU C 147 -13.19 -3.22 -8.33
N LEU C 148 -13.22 -3.00 -7.02
CA LEU C 148 -12.16 -2.28 -6.35
C LEU C 148 -11.41 -3.28 -5.48
N MET C 149 -10.23 -3.70 -5.93
CA MET C 149 -9.46 -4.70 -5.21
C MET C 149 -8.84 -4.14 -3.93
N VAL C 150 -8.23 -5.03 -3.15
CA VAL C 150 -7.69 -4.70 -1.84
C VAL C 150 -6.91 -3.37 -1.86
N ASN C 151 -7.23 -2.51 -0.91
CA ASN C 151 -6.55 -1.22 -0.76
C ASN C 151 -6.66 -0.36 -2.00
N THR C 152 -7.83 -0.30 -2.63
CA THR C 152 -8.07 0.77 -3.62
C THR C 152 -8.49 2.06 -2.91
N HIS C 153 -7.86 3.17 -3.27
CA HIS C 153 -8.21 4.49 -2.72
C HIS C 153 -8.88 5.32 -3.78
N ILE C 154 -10.09 5.78 -3.47
CA ILE C 154 -10.77 6.73 -4.33
C ILE C 154 -10.86 8.05 -3.54
N ALA C 155 -10.07 9.03 -3.95
CA ALA C 155 -10.03 10.33 -3.28
C ALA C 155 -11.30 11.15 -3.50
N HIS C 156 -11.43 12.18 -2.68
CA HIS C 156 -12.45 13.21 -2.83
C HIS C 156 -12.61 13.65 -4.26
N ASP C 157 -13.87 13.76 -4.67
CA ASP C 157 -14.28 14.38 -5.95
C ASP C 157 -13.98 13.55 -7.19
N CYS C 158 -13.57 12.29 -7.02
CA CYS C 158 -13.47 11.42 -8.20
C CYS C 158 -14.85 11.14 -8.76
N ILE C 159 -14.91 10.98 -10.07
CA ILE C 159 -16.11 10.50 -10.74
C ILE C 159 -15.68 9.28 -11.52
N VAL C 160 -16.26 8.14 -11.18
CA VAL C 160 -15.91 6.85 -11.77
C VAL C 160 -17.16 6.23 -12.38
N GLY C 161 -17.02 5.68 -13.60
CA GLY C 161 -18.19 5.17 -14.33
C GLY C 161 -18.49 3.72 -14.00
N ASP C 162 -18.71 2.90 -15.03
CA ASP C 162 -19.15 1.51 -14.83
C ASP C 162 -18.15 0.50 -15.36
N HIS C 163 -18.22 -0.72 -14.83
CA HIS C 163 -17.45 -1.86 -15.35
C HIS C 163 -15.93 -1.66 -15.34
N ASN C 164 -15.45 -0.94 -14.33
CA ASN C 164 -14.01 -0.70 -14.16
C ASN C 164 -13.41 -1.69 -13.17
N ILE C 165 -12.10 -1.90 -13.30
CA ILE C 165 -11.35 -2.78 -12.42
C ILE C 165 -10.14 -2.00 -11.91
N PHE C 166 -10.02 -1.91 -10.59
CA PHE C 166 -8.86 -1.30 -9.97
C PHE C 166 -8.17 -2.43 -9.23
N ALA C 167 -6.93 -2.71 -9.60
CA ALA C 167 -6.24 -3.85 -9.00
C ALA C 167 -5.67 -3.43 -7.64
N ASN C 168 -4.99 -4.34 -6.96
CA ASN C 168 -4.54 -4.09 -5.59
C ASN C 168 -3.71 -2.83 -5.47
N ASN C 169 -3.90 -2.13 -4.35
CA ASN C 169 -3.07 -0.99 -3.97
C ASN C 169 -3.14 0.20 -4.94
N VAL C 170 -4.21 0.31 -5.71
CA VAL C 170 -4.32 1.41 -6.67
C VAL C 170 -4.78 2.65 -5.96
N GLY C 171 -4.14 3.79 -6.27
CA GLY C 171 -4.49 5.07 -5.67
C GLY C 171 -4.98 6.02 -6.73
N VAL C 172 -6.19 6.54 -6.55
CA VAL C 172 -6.74 7.52 -7.47
C VAL C 172 -6.87 8.84 -6.71
N ALA C 173 -6.09 9.83 -7.12
CA ALA C 173 -6.06 11.09 -6.38
C ALA C 173 -7.28 11.98 -6.69
N GLY C 174 -7.30 13.16 -6.10
CA GLY C 174 -8.51 13.99 -6.10
C GLY C 174 -8.98 14.39 -7.48
N HIS C 175 -10.30 14.49 -7.65
CA HIS C 175 -10.91 15.06 -8.88
C HIS C 175 -10.64 14.26 -10.15
N VAL C 176 -10.19 13.01 -10.02
CA VAL C 176 -9.93 12.20 -11.20
C VAL C 176 -11.26 11.71 -11.78
N HIS C 177 -11.37 11.77 -13.11
CA HIS C 177 -12.61 11.32 -13.79
C HIS C 177 -12.29 10.09 -14.62
N ILE C 178 -12.96 8.99 -14.32
CA ILE C 178 -12.70 7.70 -14.98
C ILE C 178 -13.98 7.29 -15.69
N GLY C 179 -13.85 6.81 -16.93
CA GLY C 179 -15.01 6.38 -17.72
C GLY C 179 -15.46 4.96 -17.38
N ASP C 180 -15.67 4.16 -18.42
CA ASP C 180 -16.22 2.82 -18.31
C ASP C 180 -15.25 1.81 -18.88
N HIS C 181 -15.27 0.60 -18.34
CA HIS C 181 -14.47 -0.50 -18.90
C HIS C 181 -12.96 -0.24 -18.87
N VAL C 182 -12.49 0.46 -17.83
CA VAL C 182 -11.07 0.77 -17.66
C VAL C 182 -10.46 -0.28 -16.75
N ILE C 183 -9.20 -0.65 -16.99
CA ILE C 183 -8.47 -1.52 -16.05
C ILE C 183 -7.24 -0.75 -15.55
N VAL C 184 -7.12 -0.66 -14.22
CA VAL C 184 -5.96 0.00 -13.62
C VAL C 184 -5.11 -1.05 -12.91
N GLY C 185 -3.91 -1.29 -13.44
CA GLY C 185 -3.01 -2.32 -12.89
C GLY C 185 -2.52 -2.02 -11.48
N GLY C 186 -2.16 -3.07 -10.75
CA GLY C 186 -1.77 -2.96 -9.33
C GLY C 186 -0.66 -1.98 -8.99
N ASN C 187 -0.74 -1.37 -7.82
CA ASN C 187 0.29 -0.44 -7.33
C ASN C 187 0.46 0.82 -8.20
N SER C 188 -0.56 1.22 -8.96
CA SER C 188 -0.49 2.43 -9.77
C SER C 188 -1.04 3.60 -8.99
N GLY C 189 -0.59 4.80 -9.34
CA GLY C 189 -1.13 6.03 -8.75
C GLY C 189 -1.49 7.02 -9.84
N ILE C 190 -2.65 7.68 -9.69
CA ILE C 190 -3.13 8.62 -10.69
C ILE C 190 -3.18 10.04 -10.12
N HIS C 191 -2.43 10.94 -10.74
CA HIS C 191 -2.35 12.36 -10.34
C HIS C 191 -3.73 13.04 -10.35
N GLN C 192 -3.98 13.91 -9.35
CA GLN C 192 -5.22 14.67 -9.30
C GLN C 192 -5.59 15.34 -10.64
N PHE C 193 -6.90 15.40 -10.90
CA PHE C 193 -7.51 15.99 -12.11
C PHE C 193 -7.34 15.24 -13.42
N CYS C 194 -6.62 14.11 -13.43
CA CYS C 194 -6.48 13.35 -14.68
C CYS C 194 -7.82 12.80 -15.14
N LYS C 195 -7.97 12.64 -16.45
CA LYS C 195 -9.18 12.03 -17.01
C LYS C 195 -8.75 10.74 -17.69
N ILE C 196 -9.33 9.65 -17.24
CA ILE C 196 -8.96 8.32 -17.69
C ILE C 196 -10.16 7.80 -18.47
N ASP C 197 -10.06 7.78 -19.81
CA ASP C 197 -11.24 7.48 -20.63
C ASP C 197 -11.53 5.99 -20.88
N SER C 198 -12.74 5.72 -21.39
CA SER C 198 -13.25 4.36 -21.46
C SER C 198 -12.37 3.42 -22.26
N TYR C 199 -12.33 2.16 -21.83
CA TYR C 199 -11.58 1.10 -22.51
C TYR C 199 -10.06 1.24 -22.45
N SER C 200 -9.56 2.23 -21.70
CA SER C 200 -8.12 2.35 -21.51
C SER C 200 -7.60 1.27 -20.55
N MET C 201 -6.29 1.04 -20.57
CA MET C 201 -5.68 0.06 -19.69
C MET C 201 -4.40 0.69 -19.13
N ILE C 202 -4.31 0.72 -17.80
CA ILE C 202 -3.12 1.26 -17.15
C ILE C 202 -2.27 0.12 -16.62
N GLY C 203 -1.01 0.06 -17.02
CA GLY C 203 -0.18 -1.06 -16.61
C GLY C 203 0.18 -1.02 -15.13
N GLY C 204 0.52 -2.18 -14.58
CA GLY C 204 0.97 -2.27 -13.19
C GLY C 204 2.08 -1.29 -12.86
N ALA C 205 2.02 -0.73 -11.64
CA ALA C 205 3.05 0.15 -11.07
C ALA C 205 3.29 1.44 -11.86
N SER C 206 2.24 1.97 -12.47
CA SER C 206 2.33 3.18 -13.27
C SER C 206 2.13 4.42 -12.40
N LEU C 207 2.75 5.52 -12.79
CA LEU C 207 2.45 6.83 -12.23
C LEU C 207 1.87 7.66 -13.35
N ILE C 208 0.56 7.91 -13.29
CA ILE C 208 -0.15 8.59 -14.37
C ILE C 208 -0.23 10.06 -14.04
N LEU C 209 0.40 10.86 -14.87
CA LEU C 209 0.49 12.31 -14.65
C LEU C 209 -0.39 13.09 -15.61
N LYS C 210 -0.78 12.42 -16.70
CA LYS C 210 -1.56 13.10 -17.73
C LYS C 210 -2.82 12.30 -18.08
N ASP C 211 -3.65 12.85 -18.97
CA ASP C 211 -4.89 12.17 -19.37
C ASP C 211 -4.63 10.94 -20.26
N VAL C 212 -5.44 9.90 -20.09
CA VAL C 212 -5.30 8.66 -20.86
C VAL C 212 -6.53 8.56 -21.77
N PRO C 213 -6.33 8.79 -23.08
CA PRO C 213 -7.47 8.76 -23.98
C PRO C 213 -8.13 7.38 -24.08
N ALA C 214 -9.36 7.38 -24.60
CA ALA C 214 -10.11 6.15 -24.79
C ALA C 214 -9.28 5.09 -25.54
N TYR C 215 -9.42 3.83 -25.14
CA TYR C 215 -8.77 2.66 -25.79
C TYR C 215 -7.28 2.52 -25.58
N VAL C 216 -6.66 3.50 -24.93
CA VAL C 216 -5.19 3.58 -24.91
C VAL C 216 -4.60 2.73 -23.78
N MET C 217 -3.50 2.05 -24.10
CA MET C 217 -2.72 1.33 -23.11
C MET C 217 -1.60 2.28 -22.70
N ALA C 218 -1.58 2.63 -21.42
CA ALA C 218 -0.57 3.53 -20.86
C ALA C 218 0.12 2.82 -19.71
N SER C 219 1.45 2.96 -19.63
CA SER C 219 2.23 2.22 -18.64
C SER C 219 3.51 2.96 -18.26
N GLY C 220 4.00 2.69 -17.06
CA GLY C 220 5.33 3.16 -16.65
C GLY C 220 5.34 4.33 -15.68
N ASN C 221 6.54 4.71 -15.24
CA ASN C 221 6.72 5.77 -14.26
C ASN C 221 7.80 6.76 -14.74
N PRO C 222 7.40 7.91 -15.33
CA PRO C 222 5.99 8.27 -15.50
C PRO C 222 5.41 7.59 -16.74
N ALA C 223 4.09 7.49 -16.80
CA ALA C 223 3.46 6.67 -17.81
C ALA C 223 3.42 7.31 -19.20
N HIS C 224 3.69 6.47 -20.21
CA HIS C 224 3.54 6.88 -21.61
C HIS C 224 2.59 5.93 -22.33
N ALA C 225 2.18 6.33 -23.54
CA ALA C 225 1.30 5.51 -24.38
C ALA C 225 2.01 4.38 -25.11
N PHE C 226 1.37 3.21 -25.15
CA PHE C 226 1.90 1.96 -25.73
C PHE C 226 1.00 1.29 -26.75
N GLY C 227 0.10 2.02 -27.37
CA GLY C 227 -0.79 1.40 -28.32
C GLY C 227 -2.24 1.34 -27.88
N ILE C 228 -3.06 0.78 -28.75
CA ILE C 228 -4.47 0.56 -28.51
C ILE C 228 -4.66 -0.75 -27.76
N ASN C 229 -5.63 -0.73 -26.83
CA ASN C 229 -6.06 -1.93 -26.12
C ASN C 229 -6.72 -2.93 -27.05
N ILE C 230 -5.91 -3.66 -27.82
CA ILE C 230 -6.41 -4.57 -28.85
C ILE C 230 -7.07 -5.81 -28.23
N GLU C 231 -6.38 -6.44 -27.28
CA GLU C 231 -6.88 -7.67 -26.63
C GLU C 231 -8.24 -7.45 -25.97
N GLY C 232 -8.42 -6.30 -25.33
CA GLY C 232 -9.71 -5.90 -24.76
C GLY C 232 -10.81 -5.72 -25.81
N MET C 233 -10.43 -5.23 -26.99
CA MET C 233 -11.38 -5.06 -28.10
C MET C 233 -11.85 -6.41 -28.66
N ARG C 234 -10.90 -7.29 -28.95
CA ARG C 234 -11.21 -8.63 -29.46
C ARG C 234 -11.85 -9.55 -28.41
N ARG C 235 -11.63 -9.25 -27.13
CA ARG C 235 -12.26 -10.00 -26.03
C ARG C 235 -13.74 -9.63 -25.89
N LYS C 236 -14.08 -8.42 -26.35
CA LYS C 236 -15.48 -8.02 -26.50
C LYS C 236 -15.96 -8.28 -27.94
N GLY C 237 -15.18 -9.07 -28.68
CA GLY C 237 -15.50 -9.48 -30.05
C GLY C 237 -15.67 -8.37 -31.07
N TRP C 238 -14.82 -7.35 -30.98
CA TRP C 238 -14.90 -6.18 -31.87
C TRP C 238 -14.37 -6.50 -33.26
N SER C 239 -14.98 -5.87 -34.27
CA SER C 239 -14.67 -6.19 -35.67
C SER C 239 -13.25 -5.79 -36.11
N LYS C 240 -12.80 -6.41 -37.20
CA LYS C 240 -11.52 -6.10 -37.83
C LYS C 240 -11.49 -4.65 -38.31
N ASN C 241 -12.62 -4.19 -38.87
CA ASN C 241 -12.72 -2.83 -39.39
C ASN C 241 -12.64 -1.77 -38.28
N THR C 242 -13.25 -2.06 -37.13
CA THR C 242 -13.20 -1.16 -35.97
C THR C 242 -11.79 -1.03 -35.42
N ILE C 243 -11.18 -2.16 -35.05
CA ILE C 243 -9.82 -2.19 -34.49
C ILE C 243 -8.81 -1.49 -35.39
N GLN C 244 -8.87 -1.76 -36.69
CA GLN C 244 -7.93 -1.17 -37.64
C GLN C 244 -8.08 0.36 -37.70
N GLY C 245 -9.31 0.85 -37.71
CA GLY C 245 -9.57 2.29 -37.69
C GLY C 245 -9.05 2.94 -36.43
N LEU C 246 -9.21 2.26 -35.30
CA LEU C 246 -8.73 2.79 -34.02
C LEU C 246 -7.19 2.79 -33.98
N ARG C 247 -6.58 1.77 -34.58
CA ARG C 247 -5.11 1.72 -34.70
C ARG C 247 -4.57 2.90 -35.53
N GLU C 248 -5.29 3.20 -36.61
CA GLU C 248 -4.92 4.32 -37.48
C GLU C 248 -5.05 5.65 -36.75
N ALA C 249 -6.12 5.80 -35.97
CA ALA C 249 -6.34 7.04 -35.22
C ALA C 249 -5.26 7.22 -34.15
N TYR C 250 -4.92 6.12 -33.47
CA TYR C 250 -3.82 6.13 -32.50
C TYR C 250 -2.56 6.67 -33.18
N LYS C 251 -2.25 6.16 -34.38
CA LYS C 251 -1.01 6.57 -35.09
C LYS C 251 -1.00 8.06 -35.37
N LEU C 252 -2.15 8.57 -35.84
CA LEU C 252 -2.33 10.00 -36.13
C LEU C 252 -2.14 10.87 -34.87
N ILE C 253 -2.58 10.38 -33.72
CA ILE C 253 -2.49 11.15 -32.48
C ILE C 253 -1.08 11.09 -31.85
N PHE C 254 -0.50 9.89 -31.81
CA PHE C 254 0.68 9.68 -30.97
C PHE C 254 2.01 9.60 -31.72
N LYS C 255 1.95 9.35 -33.02
CA LYS C 255 3.17 8.96 -33.75
C LYS C 255 3.40 9.70 -35.07
N SER C 256 2.60 10.73 -35.36
CA SER C 256 2.63 11.36 -36.70
C SER C 256 3.08 12.83 -36.71
N GLY C 257 3.48 13.35 -35.55
CA GLY C 257 3.98 14.74 -35.46
C GLY C 257 2.89 15.80 -35.63
N LEU C 258 1.66 15.37 -35.41
CA LEU C 258 0.49 16.24 -35.57
C LEU C 258 0.09 16.84 -34.23
N THR C 259 -0.38 18.09 -34.27
CA THR C 259 -1.00 18.72 -33.11
C THR C 259 -2.33 18.01 -32.87
N SER C 260 -2.89 18.18 -31.66
CA SER C 260 -4.23 17.68 -31.34
C SER C 260 -5.25 18.04 -32.42
N VAL C 261 -5.32 19.32 -32.80
CA VAL C 261 -6.30 19.75 -33.79
C VAL C 261 -6.13 19.02 -35.14
N GLN C 262 -4.90 18.95 -35.62
CA GLN C 262 -4.60 18.27 -36.89
C GLN C 262 -4.98 16.79 -36.86
N ALA C 263 -4.71 16.14 -35.73
CA ALA C 263 -5.03 14.73 -35.55
C ALA C 263 -6.56 14.52 -35.58
N ILE C 264 -7.31 15.33 -34.84
CA ILE C 264 -8.77 15.26 -34.85
C ILE C 264 -9.34 15.46 -36.25
N ASP C 265 -8.82 16.46 -36.97
CA ASP C 265 -9.33 16.73 -38.32
C ASP C 265 -9.12 15.57 -39.28
N GLN C 266 -7.96 14.92 -39.17
CA GLN C 266 -7.64 13.77 -40.00
C GLN C 266 -8.43 12.53 -39.60
N ILE C 267 -8.69 12.36 -38.31
CA ILE C 267 -9.59 11.30 -37.86
C ILE C 267 -10.99 11.54 -38.44
N LYS C 268 -11.51 12.75 -38.27
CA LYS C 268 -12.85 13.11 -38.74
C LYS C 268 -13.01 12.85 -40.24
N SER C 269 -12.02 13.26 -41.02
CA SER C 269 -12.12 13.12 -42.48
C SER C 269 -11.90 11.67 -42.94
N GLU C 270 -10.96 10.97 -42.30
CA GLU C 270 -10.51 9.68 -42.86
C GLU C 270 -10.99 8.41 -42.17
N ILE C 271 -11.37 8.53 -40.89
CA ILE C 271 -11.65 7.35 -40.07
C ILE C 271 -13.06 7.33 -39.47
N LEU C 272 -13.49 8.48 -38.90
CA LEU C 272 -14.78 8.57 -38.22
C LEU C 272 -16.00 8.14 -39.09
N PRO C 273 -16.03 8.52 -40.39
CA PRO C 273 -17.19 8.12 -41.20
C PRO C 273 -17.52 6.61 -41.15
N SER C 274 -16.50 5.75 -41.19
CA SER C 274 -16.74 4.31 -41.14
C SER C 274 -16.46 3.69 -39.77
N VAL C 275 -15.78 4.43 -38.89
CA VAL C 275 -15.50 3.93 -37.54
C VAL C 275 -16.04 4.93 -36.52
N PRO C 276 -17.34 4.82 -36.20
CA PRO C 276 -17.89 5.82 -35.28
C PRO C 276 -17.28 5.75 -33.89
N GLU C 277 -16.76 4.57 -33.54
CA GLU C 277 -16.06 4.36 -32.26
C GLU C 277 -14.91 5.35 -32.06
N ALA C 278 -14.36 5.85 -33.16
CA ALA C 278 -13.26 6.82 -33.11
C ALA C 278 -13.65 8.12 -32.40
N GLN C 279 -14.95 8.34 -32.22
CA GLN C 279 -15.41 9.57 -31.57
C GLN C 279 -14.89 9.69 -30.13
N LEU C 280 -14.77 8.56 -29.45
CA LEU C 280 -14.29 8.57 -28.07
C LEU C 280 -12.89 9.16 -27.95
N LEU C 281 -12.06 8.89 -28.96
CA LEU C 281 -10.69 9.42 -29.02
C LEU C 281 -10.67 10.91 -29.29
N ILE C 282 -11.50 11.39 -30.22
CA ILE C 282 -11.72 12.83 -30.42
C ILE C 282 -12.13 13.49 -29.10
N ASP C 283 -13.15 12.94 -28.42
CA ASP C 283 -13.58 13.47 -27.11
C ASP C 283 -12.40 13.60 -26.12
N SER C 284 -11.61 12.55 -26.00
CA SER C 284 -10.48 12.56 -25.07
C SER C 284 -9.60 13.78 -25.30
N LEU C 285 -9.22 14.00 -26.56
CA LEU C 285 -8.35 15.12 -26.92
C LEU C 285 -9.00 16.47 -26.67
N GLU C 286 -10.28 16.58 -27.03
CA GLU C 286 -11.00 17.84 -26.82
C GLU C 286 -11.28 18.18 -25.37
N GLN C 287 -11.47 17.16 -24.54
CA GLN C 287 -11.73 17.32 -23.11
C GLN C 287 -10.48 17.38 -22.21
N SER C 288 -9.32 17.06 -22.78
CA SER C 288 -8.09 17.03 -21.98
C SER C 288 -7.76 18.41 -21.41
N GLU C 289 -7.49 18.45 -20.11
CA GLU C 289 -7.09 19.68 -19.44
C GLU C 289 -5.63 19.65 -18.95
N ARG C 290 -5.06 18.47 -18.79
CA ARG C 290 -3.66 18.32 -18.38
C ARG C 290 -2.74 17.93 -19.54
N GLY C 291 -3.31 17.84 -20.73
CA GLY C 291 -2.59 17.22 -21.82
C GLY C 291 -2.74 15.71 -21.71
N ILE C 292 -2.34 15.00 -22.76
CA ILE C 292 -2.44 13.54 -22.76
C ILE C 292 -1.07 12.88 -22.65
N VAL C 293 -1.05 11.64 -22.15
CA VAL C 293 0.18 10.84 -22.17
C VAL C 293 0.73 10.76 -23.62
N ARG C 294 2.03 10.56 -23.73
CA ARG C 294 2.72 10.73 -25.02
C ARG C 294 3.34 9.43 -25.57
CAC FLC D . -3.97 -10.23 -11.00
CA FLC D . -4.65 -9.75 -9.73
CB FLC D . -5.40 -10.84 -8.94
CBC FLC D . -5.22 -10.63 -7.43
CG FLC D . -6.88 -10.77 -9.24
CGC FLC D . -7.14 -11.43 -10.56
OA1 FLC D . -3.93 -11.46 -11.29
OA2 FLC D . -3.42 -9.39 -11.72
OB1 FLC D . -6.06 -11.05 -6.60
OB2 FLC D . -4.21 -10.03 -7.01
OG1 FLC D . -7.07 -12.68 -10.65
OG2 FLC D . -7.41 -10.68 -11.53
OHB FLC D . -4.87 -12.12 -9.37
CAC FLC E . 4.62 17.02 -10.87
CA FLC E . 4.36 18.12 -11.87
CB FLC E . 2.87 18.44 -11.97
CBC FLC E . 2.38 18.89 -10.60
CG FLC E . 2.68 19.52 -13.03
CGC FLC E . 1.27 20.04 -13.18
OA1 FLC E . 5.54 17.18 -10.03
OA2 FLC E . 3.88 16.01 -10.90
OB1 FLC E . 1.73 18.11 -9.87
OB2 FLC E . 2.68 20.05 -10.22
OG1 FLC E . 1.04 20.85 -14.11
OG2 FLC E . 0.38 19.68 -12.37
OHB FLC E . 2.14 17.26 -12.39
#